data_9F8M
#
_entry.id   9F8M
#
_cell.length_a   69.251
_cell.length_b   68.392
_cell.length_c   83.838
_cell.angle_alpha   90.00
_cell.angle_beta   90.20
_cell.angle_gamma   90.00
#
_symmetry.space_group_name_H-M   'P 1 21 1'
#
loop_
_entity.id
_entity.type
_entity.pdbx_description
1 polymer 'Phenazine biosynthesis protein A/B'
2 non-polymer GLYCEROL
3 non-polymer [2-(4-hydroxyphenyl)-6-oxidanyl-1-benzothiophen-3-yl]-[4-(propylamino)phenyl]methanone
4 non-polymer 1,2-ETHANEDIOL
5 water water
#
_entity_poly.entity_id   1
_entity_poly.type   'polypeptide(L)'
_entity_poly.pdbx_seq_one_letter_code
;MGSSHHHHHHSSGLVPRGSHMSDVESLENTSENRAQVAARQHNRKIVEQYMHTRGEARLKRHLLFTEDGVGGLWTTDSGQ
PIAIRGREKLGEHAVWSLQCFPDWVWTDIQIFETQDPNWFWVECRGEGAIVFPGYPRGQYRNHFLHSFRFENGLIKEQRE
FMNPCEQFRSLGIEVPEVRRDGLPS
;
_entity_poly.pdbx_strand_id   A,B,C,D
#
loop_
_chem_comp.id
_chem_comp.type
_chem_comp.name
_chem_comp.formula
A1IAK non-polymer [2-(4-hydroxyphenyl)-6-oxidanyl-1-benzothiophen-3-yl]-[4-(propylamino)phenyl]methanone 'C24 H21 N O3 S'
EDO non-polymer 1,2-ETHANEDIOL 'C2 H6 O2'
GOL non-polymer GLYCEROL 'C3 H8 O3'
#
# COMPACT_ATOMS: atom_id res chain seq x y z
N GLU A 32 -25.18 -13.78 -16.76
CA GLU A 32 -25.15 -14.04 -15.33
C GLU A 32 -24.91 -12.74 -14.58
N ASN A 33 -23.99 -11.92 -15.10
CA ASN A 33 -23.73 -10.63 -14.46
C ASN A 33 -24.98 -9.75 -14.54
N ARG A 34 -25.72 -9.81 -15.65
CA ARG A 34 -26.96 -9.07 -15.75
C ARG A 34 -27.97 -9.52 -14.70
N ALA A 35 -28.06 -10.84 -14.47
CA ALA A 35 -28.96 -11.36 -13.45
C ALA A 35 -28.53 -10.93 -12.06
N GLN A 36 -27.23 -10.92 -11.81
CA GLN A 36 -26.75 -10.49 -10.50
C GLN A 36 -27.02 -9.01 -10.28
N VAL A 37 -26.79 -8.20 -11.30
CA VAL A 37 -27.05 -6.76 -11.17
C VAL A 37 -28.53 -6.51 -10.88
N ALA A 38 -29.41 -7.20 -11.61
CA ALA A 38 -30.85 -7.01 -11.41
C ALA A 38 -31.28 -7.43 -10.01
N ALA A 39 -30.74 -8.55 -9.51
CA ALA A 39 -31.05 -9.00 -8.16
C ALA A 39 -30.62 -7.97 -7.13
N ARG A 40 -29.39 -7.45 -7.26
CA ARG A 40 -28.90 -6.47 -6.30
C ARG A 40 -29.78 -5.23 -6.26
N GLN A 41 -30.17 -4.71 -7.43
CA GLN A 41 -30.98 -3.49 -7.47
C GLN A 41 -32.32 -3.70 -6.80
N HIS A 42 -32.96 -4.84 -7.08
CA HIS A 42 -34.25 -5.11 -6.47
C HIS A 42 -34.09 -5.33 -4.97
N ASN A 43 -33.10 -6.11 -4.57
CA ASN A 43 -32.93 -6.40 -3.15
C ASN A 43 -32.66 -5.13 -2.38
N ARG A 44 -31.89 -4.20 -2.96
CA ARG A 44 -31.65 -2.94 -2.29
C ARG A 44 -32.94 -2.19 -1.98
N LYS A 45 -33.90 -2.22 -2.91
CA LYS A 45 -35.17 -1.55 -2.66
C LYS A 45 -35.91 -2.18 -1.47
N ILE A 46 -35.80 -3.51 -1.33
CA ILE A 46 -36.42 -4.19 -0.19
C ILE A 46 -35.74 -3.79 1.12
N VAL A 47 -34.41 -3.71 1.13
CA VAL A 47 -33.70 -3.25 2.33
C VAL A 47 -34.13 -1.84 2.70
N GLU A 48 -34.18 -0.96 1.70
CA GLU A 48 -34.64 0.40 1.93
C GLU A 48 -36.03 0.37 2.54
N GLN A 49 -36.93 -0.39 1.94
CA GLN A 49 -38.30 -0.42 2.45
C GLN A 49 -38.32 -0.91 3.89
N TYR A 50 -37.59 -2.00 4.17
CA TYR A 50 -37.55 -2.52 5.53
C TYR A 50 -37.07 -1.46 6.51
N MET A 51 -35.96 -0.79 6.19
CA MET A 51 -35.37 0.15 7.12
C MET A 51 -36.27 1.36 7.36
N HIS A 52 -37.17 1.66 6.43
CA HIS A 52 -38.07 2.79 6.57
C HIS A 52 -39.47 2.37 6.98
N THR A 53 -39.68 1.13 7.37
CA THR A 53 -40.99 0.69 7.82
C THR A 53 -41.23 1.17 9.24
N ARG A 54 -42.25 2.01 9.42
CA ARG A 54 -42.54 2.62 10.71
C ARG A 54 -44.04 2.56 10.98
N GLY A 55 -44.39 2.71 12.25
CA GLY A 55 -45.80 2.79 12.61
C GLY A 55 -46.58 1.55 12.21
N GLU A 56 -47.83 1.77 11.80
CA GLU A 56 -48.70 0.64 11.52
C GLU A 56 -48.18 -0.22 10.39
N ALA A 57 -47.35 0.33 9.49
CA ALA A 57 -46.76 -0.48 8.43
C ALA A 57 -45.90 -1.60 8.99
N ARG A 58 -45.45 -1.48 10.24
CA ARG A 58 -44.70 -2.56 10.87
C ARG A 58 -45.51 -3.85 10.94
N LEU A 59 -46.84 -3.76 10.96
CA LEU A 59 -47.67 -4.97 11.01
C LEU A 59 -47.55 -5.80 9.73
N LYS A 60 -47.04 -5.23 8.64
CA LYS A 60 -46.91 -5.95 7.38
C LYS A 60 -45.47 -6.11 6.93
N ARG A 61 -44.51 -5.73 7.78
CA ARG A 61 -43.10 -5.83 7.38
C ARG A 61 -42.72 -7.26 7.07
N HIS A 62 -43.40 -8.24 7.69
CA HIS A 62 -43.06 -9.64 7.49
C HIS A 62 -43.30 -10.09 6.06
N LEU A 63 -44.09 -9.35 5.29
CA LEU A 63 -44.31 -9.71 3.91
C LEU A 63 -43.08 -9.48 3.04
N LEU A 64 -42.05 -8.82 3.58
CA LEU A 64 -40.78 -8.69 2.89
C LEU A 64 -39.90 -9.91 3.03
N PHE A 65 -40.37 -10.94 3.74
CA PHE A 65 -39.61 -12.17 3.97
C PHE A 65 -40.14 -13.31 3.13
N THR A 66 -39.27 -14.27 2.85
CA THR A 66 -39.72 -15.54 2.30
C THR A 66 -40.59 -16.26 3.32
N GLU A 67 -41.33 -17.28 2.86
CA GLU A 67 -42.25 -17.98 3.73
C GLU A 67 -41.53 -18.57 4.95
N ASP A 68 -40.33 -19.09 4.73
CA ASP A 68 -39.53 -19.65 5.81
C ASP A 68 -38.46 -18.67 6.30
N GLY A 69 -38.65 -17.37 6.06
CA GLY A 69 -37.64 -16.40 6.46
C GLY A 69 -37.49 -16.29 7.96
N VAL A 70 -36.30 -15.86 8.37
CA VAL A 70 -35.92 -15.72 9.77
C VAL A 70 -35.50 -14.28 10.02
N GLY A 71 -35.94 -13.73 11.14
CA GLY A 71 -35.48 -12.44 11.60
C GLY A 71 -35.14 -12.54 13.07
N GLY A 72 -34.25 -11.67 13.51
CA GLY A 72 -33.96 -11.73 14.92
C GLY A 72 -32.88 -10.81 15.41
N LEU A 73 -32.78 -10.78 16.73
CA LEU A 73 -31.76 -10.05 17.46
C LEU A 73 -30.66 -11.04 17.86
N TRP A 74 -29.45 -10.79 17.37
CA TRP A 74 -28.37 -11.74 17.56
C TRP A 74 -27.53 -11.45 18.80
N THR A 75 -27.70 -10.30 19.45
CA THR A 75 -26.88 -9.88 20.57
C THR A 75 -27.81 -9.64 21.76
N THR A 76 -27.79 -10.57 22.73
CA THR A 76 -28.65 -10.50 23.90
C THR A 76 -27.84 -10.85 25.14
N ASP A 77 -28.48 -10.67 26.30
CA ASP A 77 -27.78 -10.96 27.55
C ASP A 77 -27.37 -12.42 27.66
N SER A 78 -28.10 -13.34 27.02
CA SER A 78 -27.81 -14.76 27.18
C SER A 78 -26.67 -15.23 26.27
N GLY A 79 -26.35 -14.48 25.23
CA GLY A 79 -25.42 -14.95 24.23
C GLY A 79 -26.06 -15.76 23.11
N GLN A 80 -27.36 -16.04 23.21
CA GLN A 80 -28.07 -16.72 22.14
C GLN A 80 -29.00 -15.74 21.43
N PRO A 81 -29.23 -15.93 20.12
CA PRO A 81 -30.16 -15.03 19.43
C PRO A 81 -31.58 -15.23 19.91
N ILE A 82 -32.37 -14.16 19.76
CA ILE A 82 -33.82 -14.24 19.84
C ILE A 82 -34.28 -14.14 18.40
N ALA A 83 -34.60 -15.28 17.80
CA ALA A 83 -34.90 -15.36 16.39
C ALA A 83 -36.29 -15.94 16.23
N ILE A 84 -37.00 -15.42 15.23
CA ILE A 84 -38.37 -15.81 14.90
C ILE A 84 -38.30 -16.41 13.51
N ARG A 85 -38.80 -17.64 13.36
CA ARG A 85 -38.61 -18.42 12.15
C ARG A 85 -39.95 -18.62 11.46
N GLY A 86 -40.08 -18.09 10.24
CA GLY A 86 -41.29 -18.23 9.46
C GLY A 86 -41.98 -16.90 9.27
N ARG A 87 -42.38 -16.63 8.04
CA ARG A 87 -43.03 -15.36 7.73
C ARG A 87 -44.25 -15.12 8.61
N GLU A 88 -45.08 -16.14 8.80
N GLU A 88 -45.09 -16.14 8.77
CA GLU A 88 -46.30 -15.88 9.57
CA GLU A 88 -46.30 -15.97 9.57
C GLU A 88 -46.02 -15.71 11.06
C GLU A 88 -45.95 -15.65 11.02
N LYS A 89 -45.00 -16.39 11.59
CA LYS A 89 -44.59 -16.12 12.98
C LYS A 89 -43.96 -14.75 13.12
N LEU A 90 -43.23 -14.28 12.11
CA LEU A 90 -42.73 -12.90 12.15
C LEU A 90 -43.88 -11.91 12.18
N GLY A 91 -44.96 -12.16 11.42
CA GLY A 91 -46.09 -11.25 11.48
C GLY A 91 -46.77 -11.24 12.83
N GLU A 92 -46.86 -12.41 13.45
CA GLU A 92 -47.43 -12.45 14.80
C GLU A 92 -46.56 -11.69 15.78
N HIS A 93 -45.24 -11.74 15.62
CA HIS A 93 -44.37 -11.03 16.54
C HIS A 93 -44.50 -9.52 16.42
N ALA A 94 -44.86 -9.01 15.24
CA ALA A 94 -44.94 -7.56 15.06
C ALA A 94 -45.94 -6.93 16.01
N VAL A 95 -46.96 -7.68 16.41
CA VAL A 95 -47.87 -7.18 17.44
C VAL A 95 -47.10 -6.86 18.71
N TRP A 96 -46.26 -7.78 19.16
CA TRP A 96 -45.47 -7.58 20.37
C TRP A 96 -44.41 -6.50 20.17
N SER A 97 -43.80 -6.46 18.98
CA SER A 97 -42.84 -5.40 18.66
C SER A 97 -43.48 -4.03 18.80
N LEU A 98 -44.71 -3.87 18.28
CA LEU A 98 -45.36 -2.57 18.31
C LEU A 98 -45.80 -2.19 19.72
N GLN A 99 -46.03 -3.19 20.58
CA GLN A 99 -46.34 -2.91 21.98
C GLN A 99 -45.10 -2.49 22.75
N CYS A 100 -43.99 -3.23 22.56
CA CYS A 100 -42.79 -3.00 23.35
C CYS A 100 -41.99 -1.80 22.86
N PHE A 101 -42.10 -1.46 21.57
CA PHE A 101 -41.35 -0.35 20.97
C PHE A 101 -42.33 0.45 20.11
N PRO A 102 -43.20 1.24 20.75
CA PRO A 102 -44.38 1.77 20.03
C PRO A 102 -44.07 2.82 18.97
N ASP A 103 -42.93 3.52 19.05
CA ASP A 103 -42.63 4.59 18.11
C ASP A 103 -41.26 4.41 17.46
N TRP A 104 -40.77 3.18 17.41
CA TRP A 104 -39.40 2.92 17.01
C TRP A 104 -39.09 3.43 15.60
N VAL A 105 -37.95 4.08 15.46
CA VAL A 105 -37.45 4.49 14.15
C VAL A 105 -35.98 4.11 14.03
N TRP A 106 -35.60 3.73 12.82
CA TRP A 106 -34.19 3.62 12.45
C TRP A 106 -33.75 4.94 11.82
N THR A 107 -32.55 5.38 12.19
CA THR A 107 -32.01 6.66 11.74
C THR A 107 -30.57 6.44 11.26
N ASP A 108 -29.99 7.47 10.65
CA ASP A 108 -28.59 7.42 10.24
C ASP A 108 -28.31 6.17 9.38
N ILE A 109 -29.23 5.88 8.47
CA ILE A 109 -29.22 4.63 7.75
C ILE A 109 -28.18 4.68 6.63
N GLN A 110 -27.25 3.73 6.63
CA GLN A 110 -26.28 3.57 5.56
C GLN A 110 -26.34 2.13 5.07
N ILE A 111 -26.74 1.95 3.81
CA ILE A 111 -26.93 0.61 3.24
C ILE A 111 -25.69 0.26 2.44
N PHE A 112 -25.14 -0.93 2.70
CA PHE A 112 -23.97 -1.44 2.00
C PHE A 112 -24.38 -2.62 1.14
N GLU A 113 -24.29 -2.46 -0.17
CA GLU A 113 -24.31 -3.61 -1.04
C GLU A 113 -23.00 -4.36 -0.87
N THR A 114 -22.95 -5.63 -1.32
CA THR A 114 -21.73 -6.41 -1.27
C THR A 114 -21.50 -7.12 -2.60
N GLN A 115 -20.40 -7.88 -2.67
CA GLN A 115 -20.13 -8.65 -3.87
C GLN A 115 -21.18 -9.74 -4.08
N ASP A 116 -21.93 -10.10 -3.04
CA ASP A 116 -23.01 -11.07 -3.13
C ASP A 116 -24.28 -10.26 -3.38
N PRO A 117 -24.94 -10.37 -4.54
CA PRO A 117 -26.12 -9.52 -4.79
C PRO A 117 -27.26 -9.81 -3.84
N ASN A 118 -27.18 -10.94 -3.12
CA ASN A 118 -28.18 -11.34 -2.15
C ASN A 118 -27.77 -11.10 -0.70
N TRP A 119 -26.75 -10.30 -0.45
CA TRP A 119 -26.31 -10.03 0.92
C TRP A 119 -26.00 -8.55 1.06
N PHE A 120 -26.68 -7.91 2.01
CA PHE A 120 -26.52 -6.51 2.32
C PHE A 120 -26.21 -6.35 3.81
N TRP A 121 -25.47 -5.30 4.13
CA TRP A 121 -25.29 -4.87 5.50
C TRP A 121 -25.81 -3.44 5.65
N VAL A 122 -26.31 -3.12 6.84
CA VAL A 122 -26.80 -1.78 7.12
C VAL A 122 -26.22 -1.32 8.43
N GLU A 123 -25.63 -0.13 8.44
CA GLU A 123 -25.25 0.52 9.68
C GLU A 123 -26.27 1.62 9.95
N CYS A 124 -26.73 1.73 11.19
CA CYS A 124 -27.74 2.72 11.52
C CYS A 124 -27.76 2.92 13.02
N ARG A 125 -28.62 3.84 13.44
N ARG A 125 -28.59 3.85 13.45
CA ARG A 125 -29.01 3.97 14.84
CA ARG A 125 -29.02 3.92 14.83
C ARG A 125 -30.52 3.78 14.93
C ARG A 125 -30.51 3.62 14.90
N GLY A 126 -30.98 3.43 16.12
CA GLY A 126 -32.40 3.22 16.34
C GLY A 126 -32.78 3.85 17.66
N GLU A 127 -34.03 4.30 17.74
CA GLU A 127 -34.45 4.96 18.98
C GLU A 127 -35.97 4.93 19.12
N GLY A 128 -36.39 4.97 20.36
CA GLY A 128 -37.80 5.04 20.67
C GLY A 128 -38.05 4.65 22.10
N ALA A 129 -39.30 4.81 22.52
CA ALA A 129 -39.72 4.34 23.82
C ALA A 129 -39.54 2.84 23.93
N ILE A 130 -39.16 2.37 25.11
CA ILE A 130 -39.11 0.94 25.42
C ILE A 130 -40.10 0.66 26.54
N VAL A 131 -41.02 -0.28 26.29
CA VAL A 131 -42.10 -0.60 27.22
C VAL A 131 -42.08 -2.10 27.43
N PHE A 132 -41.12 -2.57 28.16
CA PHE A 132 -40.94 -3.99 28.42
C PHE A 132 -41.75 -4.35 29.66
N PRO A 133 -42.52 -5.42 29.62
CA PRO A 133 -43.36 -5.76 30.78
C PRO A 133 -42.51 -5.93 32.03
N GLY A 134 -42.94 -5.31 33.12
CA GLY A 134 -42.22 -5.42 34.36
C GLY A 134 -41.08 -4.44 34.52
N TYR A 135 -40.80 -3.61 33.53
CA TYR A 135 -39.76 -2.60 33.66
C TYR A 135 -40.40 -1.22 33.51
N PRO A 136 -39.81 -0.19 34.12
CA PRO A 136 -40.35 1.15 33.93
C PRO A 136 -40.24 1.53 32.46
N ARG A 137 -41.23 2.30 31.99
CA ARG A 137 -41.15 2.84 30.65
C ARG A 137 -39.87 3.67 30.53
N GLY A 138 -39.13 3.46 29.44
CA GLY A 138 -37.88 4.15 29.24
C GLY A 138 -37.74 4.65 27.82
N GLN A 139 -36.59 5.28 27.56
N GLN A 139 -36.57 5.23 27.54
CA GLN A 139 -36.19 5.69 26.23
CA GLN A 139 -36.21 5.70 26.20
C GLN A 139 -34.96 4.89 25.85
C GLN A 139 -34.93 4.97 25.81
N TYR A 140 -35.00 4.23 24.70
CA TYR A 140 -33.92 3.36 24.26
C TYR A 140 -33.31 3.92 22.99
N ARG A 141 -31.99 4.06 22.99
CA ARG A 141 -31.25 4.48 21.81
C ARG A 141 -30.06 3.55 21.66
N ASN A 142 -29.75 3.13 20.43
CA ASN A 142 -28.58 2.28 20.26
C ASN A 142 -28.07 2.39 18.84
N HIS A 143 -26.85 1.91 18.66
CA HIS A 143 -26.24 1.72 17.35
C HIS A 143 -26.49 0.28 16.93
N PHE A 144 -26.78 0.08 15.64
CA PHE A 144 -27.10 -1.25 15.15
C PHE A 144 -26.37 -1.53 13.85
N LEU A 145 -26.04 -2.80 13.66
CA LEU A 145 -25.71 -3.34 12.36
C LEU A 145 -26.77 -4.37 12.00
N HIS A 146 -27.25 -4.33 10.76
CA HIS A 146 -28.16 -5.34 10.27
C HIS A 146 -27.53 -6.09 9.11
N SER A 147 -27.82 -7.38 9.04
CA SER A 147 -27.48 -8.25 7.93
C SER A 147 -28.77 -8.69 7.25
N PHE A 148 -28.83 -8.56 5.93
CA PHE A 148 -29.97 -9.02 5.13
C PHE A 148 -29.48 -9.98 4.07
N ARG A 149 -29.98 -11.21 4.11
CA ARG A 149 -29.73 -12.18 3.05
C ARG A 149 -31.04 -12.51 2.34
N PHE A 150 -30.97 -12.52 1.02
CA PHE A 150 -32.13 -12.65 0.16
C PHE A 150 -32.17 -13.99 -0.57
N GLU A 151 -33.40 -14.42 -0.86
CA GLU A 151 -33.65 -15.54 -1.76
C GLU A 151 -34.90 -15.23 -2.55
N ASN A 152 -34.80 -15.31 -3.88
CA ASN A 152 -35.96 -15.11 -4.75
C ASN A 152 -36.63 -13.77 -4.49
N GLY A 153 -35.82 -12.75 -4.24
CA GLY A 153 -36.32 -11.40 -4.19
C GLY A 153 -36.92 -10.98 -2.87
N LEU A 154 -36.90 -11.83 -1.85
CA LEU A 154 -37.37 -11.48 -0.53
C LEU A 154 -36.33 -11.87 0.53
N ILE A 155 -36.54 -11.39 1.76
CA ILE A 155 -35.54 -11.60 2.81
C ILE A 155 -35.66 -13.03 3.33
N LYS A 156 -34.58 -13.78 3.22
CA LYS A 156 -34.50 -15.10 3.84
C LYS A 156 -33.96 -15.04 5.27
N GLU A 157 -33.04 -14.13 5.55
CA GLU A 157 -32.49 -14.00 6.91
C GLU A 157 -32.15 -12.55 7.19
N GLN A 158 -32.77 -12.01 8.22
CA GLN A 158 -32.39 -10.72 8.77
C GLN A 158 -31.84 -10.95 10.16
N ARG A 159 -30.74 -10.28 10.48
CA ARG A 159 -30.12 -10.33 11.80
C ARG A 159 -29.72 -8.92 12.20
N GLU A 160 -29.96 -8.57 13.45
CA GLU A 160 -29.50 -7.30 13.97
C GLU A 160 -28.58 -7.50 15.15
N PHE A 161 -27.59 -6.61 15.24
CA PHE A 161 -26.51 -6.69 16.21
C PHE A 161 -26.35 -5.34 16.88
N MET A 162 -26.29 -5.34 18.21
CA MET A 162 -26.09 -4.11 18.96
C MET A 162 -25.32 -4.44 20.23
N ASN A 163 -25.08 -3.41 21.03
CA ASN A 163 -24.51 -3.56 22.36
C ASN A 163 -25.62 -3.65 23.39
N PRO A 164 -25.88 -4.82 23.98
CA PRO A 164 -27.00 -4.92 24.93
C PRO A 164 -26.86 -4.02 26.13
N CYS A 165 -25.64 -3.55 26.45
CA CYS A 165 -25.48 -2.67 27.60
C CYS A 165 -26.35 -1.42 27.49
N GLU A 166 -26.55 -0.90 26.27
CA GLU A 166 -27.38 0.28 26.11
C GLU A 166 -28.85 -0.05 26.34
N GLN A 167 -29.28 -1.27 26.02
CA GLN A 167 -30.65 -1.66 26.33
C GLN A 167 -30.82 -1.89 27.83
N PHE A 168 -29.81 -2.48 28.49
CA PHE A 168 -29.85 -2.55 29.94
C PHE A 168 -30.09 -1.17 30.54
N ARG A 169 -29.31 -0.18 30.10
CA ARG A 169 -29.47 1.17 30.64
C ARG A 169 -30.87 1.69 30.46
N SER A 170 -31.47 1.45 29.29
CA SER A 170 -32.81 1.96 29.03
C SER A 170 -33.84 1.32 29.93
N LEU A 171 -33.56 0.14 30.45
CA LEU A 171 -34.48 -0.60 31.32
C LEU A 171 -34.15 -0.40 32.80
N GLY A 172 -33.17 0.43 33.11
CA GLY A 172 -32.77 0.66 34.49
C GLY A 172 -32.00 -0.48 35.11
N ILE A 173 -31.49 -1.39 34.28
CA ILE A 173 -30.70 -2.54 34.71
C ILE A 173 -29.25 -2.10 34.84
N GLU A 174 -28.63 -2.41 35.98
CA GLU A 174 -27.26 -2.00 36.22
C GLU A 174 -26.32 -2.72 35.26
N VAL A 175 -25.40 -1.98 34.67
CA VAL A 175 -24.44 -2.53 33.71
C VAL A 175 -23.14 -2.85 34.43
N PRO A 176 -22.60 -4.05 34.29
CA PRO A 176 -21.29 -4.35 34.88
C PRO A 176 -20.22 -3.43 34.32
N GLU A 177 -19.18 -3.16 35.11
CA GLU A 177 -18.07 -2.34 34.66
C GLU A 177 -16.77 -3.13 34.78
N VAL A 178 -16.02 -3.20 33.70
CA VAL A 178 -14.72 -3.85 33.72
C VAL A 178 -13.73 -2.85 34.34
N ARG A 179 -13.04 -3.29 35.39
CA ARG A 179 -12.05 -2.45 36.04
C ARG A 179 -10.86 -2.21 35.12
N ARG A 180 -10.47 -0.95 34.95
CA ARG A 180 -9.49 -0.53 33.95
C ARG A 180 -8.12 -0.24 34.52
N ASP A 181 -7.91 -0.42 35.82
CA ASP A 181 -6.69 0.09 36.45
C ASP A 181 -5.43 -0.43 35.78
N GLY A 182 -5.42 -1.69 35.38
CA GLY A 182 -4.27 -2.23 34.67
C GLY A 182 -4.46 -2.34 33.16
N LEU A 183 -5.42 -1.61 32.58
CA LEU A 183 -5.78 -1.75 31.17
C LEU A 183 -5.66 -0.43 30.41
N PRO A 184 -4.47 -0.12 29.88
CA PRO A 184 -4.27 1.21 29.29
C PRO A 184 -4.70 1.31 27.84
N SER A 185 -5.23 2.48 27.49
CA SER A 185 -5.57 2.80 26.10
C SER A 185 -4.99 4.17 25.79
N GLU B 32 -12.14 6.29 -14.24
CA GLU B 32 -12.64 6.37 -12.87
C GLU B 32 -13.00 4.98 -12.35
N ASN B 33 -13.71 4.20 -13.18
CA ASN B 33 -14.08 2.85 -12.77
C ASN B 33 -12.85 1.98 -12.58
N ARG B 34 -11.87 2.10 -13.49
CA ARG B 34 -10.63 1.34 -13.34
C ARG B 34 -9.92 1.70 -12.04
N ALA B 35 -9.92 2.99 -11.67
CA ALA B 35 -9.28 3.39 -10.42
C ALA B 35 -10.02 2.86 -9.22
N GLN B 36 -11.35 2.90 -9.25
CA GLN B 36 -12.13 2.33 -8.16
C GLN B 36 -11.89 0.83 -8.07
N VAL B 37 -11.86 0.14 -9.21
CA VAL B 37 -11.60 -1.31 -9.19
C VAL B 37 -10.24 -1.59 -8.58
N ALA B 38 -9.22 -0.83 -8.99
CA ALA B 38 -7.89 -1.03 -8.44
C ALA B 38 -7.86 -0.80 -6.93
N ALA B 39 -8.50 0.28 -6.47
CA ALA B 39 -8.54 0.56 -5.04
C ALA B 39 -9.19 -0.58 -4.28
N ARG B 40 -10.35 -1.05 -4.74
CA ARG B 40 -11.04 -2.11 -4.01
C ARG B 40 -10.18 -3.36 -3.91
N GLN B 41 -9.52 -3.74 -5.01
CA GLN B 41 -8.74 -4.99 -5.01
C GLN B 41 -7.55 -4.89 -4.07
N HIS B 42 -6.88 -3.75 -4.05
CA HIS B 42 -5.78 -3.58 -3.11
C HIS B 42 -6.28 -3.54 -1.68
N ASN B 43 -7.35 -2.77 -1.43
CA ASN B 43 -7.84 -2.64 -0.07
C ASN B 43 -8.28 -4.00 0.48
N ARG B 44 -8.90 -4.83 -0.37
CA ARG B 44 -9.28 -6.17 0.07
C ARG B 44 -8.08 -6.95 0.58
N LYS B 45 -6.94 -6.84 -0.11
CA LYS B 45 -5.75 -7.55 0.35
C LYS B 45 -5.32 -7.07 1.74
N ILE B 46 -5.43 -5.77 2.00
CA ILE B 46 -5.09 -5.24 3.33
C ILE B 46 -6.06 -5.77 4.39
N VAL B 47 -7.36 -5.84 4.07
CA VAL B 47 -8.30 -6.40 5.04
C VAL B 47 -7.95 -7.86 5.34
N GLU B 48 -7.69 -8.65 4.30
CA GLU B 48 -7.30 -10.04 4.50
C GLU B 48 -6.08 -10.13 5.39
N GLN B 49 -5.07 -9.30 5.11
CA GLN B 49 -3.87 -9.34 5.93
C GLN B 49 -4.17 -8.98 7.38
N TYR B 50 -4.95 -7.93 7.59
CA TYR B 50 -5.29 -7.52 8.95
C TYR B 50 -5.98 -8.66 9.68
N MET B 51 -6.98 -9.28 9.03
CA MET B 51 -7.76 -10.29 9.73
C MET B 51 -6.93 -11.53 10.02
N HIS B 52 -5.91 -11.82 9.22
CA HIS B 52 -5.10 -13.00 9.47
C HIS B 52 -3.89 -12.71 10.35
N THR B 53 -3.73 -11.47 10.80
CA THR B 53 -2.57 -11.13 11.62
C THR B 53 -2.73 -11.72 13.02
N ARG B 54 -1.74 -12.51 13.43
CA ARG B 54 -1.73 -13.13 14.74
C ARG B 54 -0.28 -13.32 15.15
N GLY B 55 -0.08 -13.69 16.42
CA GLY B 55 1.25 -13.93 16.93
C GLY B 55 2.11 -12.68 16.88
N GLU B 56 3.41 -12.89 16.70
CA GLU B 56 4.33 -11.78 16.74
C GLU B 56 4.05 -10.75 15.65
N ALA B 57 3.41 -11.16 14.54
CA ALA B 57 3.05 -10.22 13.49
C ALA B 57 2.14 -9.11 14.01
N ARG B 58 1.45 -9.34 15.11
CA ARG B 58 0.62 -8.29 15.68
C ARG B 58 1.43 -7.04 16.04
N LEU B 59 2.74 -7.19 16.27
CA LEU B 59 3.54 -6.04 16.62
C LEU B 59 3.67 -5.05 15.47
N LYS B 60 3.38 -5.46 14.23
CA LYS B 60 3.51 -4.59 13.07
C LYS B 60 2.20 -4.33 12.36
N ARG B 61 1.07 -4.78 12.92
CA ARG B 61 -0.21 -4.58 12.26
C ARG B 61 -0.53 -3.10 12.06
N HIS B 62 0.00 -2.22 12.93
CA HIS B 62 -0.28 -0.80 12.82
C HIS B 62 0.25 -0.19 11.53
N LEU B 63 1.19 -0.87 10.87
CA LEU B 63 1.71 -0.34 9.61
C LEU B 63 0.70 -0.42 8.48
N LEU B 64 -0.43 -1.10 8.69
CA LEU B 64 -1.51 -1.12 7.73
C LEU B 64 -2.39 0.11 7.80
N PHE B 65 -2.12 1.03 8.73
CA PHE B 65 -2.92 2.23 8.93
C PHE B 65 -2.23 3.47 8.35
N THR B 66 -3.04 4.47 8.02
CA THR B 66 -2.52 5.81 7.72
C THR B 66 -1.89 6.40 8.98
N GLU B 67 -1.08 7.45 8.81
CA GLU B 67 -0.39 8.02 9.97
C GLU B 67 -1.38 8.46 11.04
N ASP B 68 -2.53 9.00 10.63
CA ASP B 68 -3.56 9.47 11.54
C ASP B 68 -4.71 8.48 11.68
N GLY B 69 -4.47 7.21 11.35
CA GLY B 69 -5.52 6.23 11.38
C GLY B 69 -5.99 5.90 12.79
N VAL B 70 -7.22 5.41 12.86
CA VAL B 70 -7.89 5.10 14.11
C VAL B 70 -8.33 3.63 14.09
N GLY B 71 -8.14 2.96 15.22
CA GLY B 71 -8.68 1.63 15.42
C GLY B 71 -9.33 1.56 16.79
N GLY B 72 -10.23 0.60 16.95
CA GLY B 72 -10.80 0.46 18.27
C GLY B 72 -11.99 -0.46 18.36
N LEU B 73 -12.39 -0.66 19.62
CA LEU B 73 -13.55 -1.45 20.00
C LEU B 73 -14.73 -0.51 20.25
N TRP B 74 -15.80 -0.68 19.48
CA TRP B 74 -16.91 0.26 19.54
C TRP B 74 -17.98 -0.16 20.52
N THR B 75 -17.93 -1.36 21.05
CA THR B 75 -18.98 -1.91 21.90
C THR B 75 -18.36 -2.28 23.24
N THR B 76 -18.63 -1.47 24.26
CA THR B 76 -18.05 -1.68 25.58
C THR B 76 -19.10 -1.47 26.65
N ASP B 77 -18.72 -1.77 27.89
CA ASP B 77 -19.69 -1.60 28.99
C ASP B 77 -20.15 -0.16 29.12
N SER B 78 -19.29 0.80 28.80
CA SER B 78 -19.60 2.20 29.04
C SER B 78 -20.51 2.80 27.98
N GLY B 79 -20.62 2.17 26.81
CA GLY B 79 -21.30 2.77 25.69
C GLY B 79 -20.42 3.64 24.82
N GLN B 80 -19.18 3.89 25.23
CA GLN B 80 -18.25 4.69 24.44
C GLN B 80 -17.16 3.80 23.87
N PRO B 81 -16.65 4.10 22.67
CA PRO B 81 -15.59 3.27 22.10
C PRO B 81 -14.32 3.36 22.93
N ILE B 82 -13.51 2.33 22.84
CA ILE B 82 -12.11 2.39 23.27
C ILE B 82 -11.32 2.44 21.97
N ALA B 83 -10.88 3.62 21.60
CA ALA B 83 -10.28 3.86 20.31
C ALA B 83 -8.93 4.51 20.50
N ILE B 84 -8.01 4.20 19.61
CA ILE B 84 -6.67 4.75 19.61
C ILE B 84 -6.46 5.45 18.27
N ARG B 85 -6.02 6.70 18.32
CA ARG B 85 -5.82 7.50 17.12
C ARG B 85 -4.34 7.73 16.90
N GLY B 86 -3.88 7.34 15.72
CA GLY B 86 -2.51 7.55 15.32
C GLY B 86 -1.78 6.25 15.17
N ARG B 87 -1.10 6.11 14.03
CA ARG B 87 -0.38 4.88 13.75
C ARG B 87 0.62 4.54 14.85
N GLU B 88 1.39 5.53 15.32
CA GLU B 88 2.39 5.20 16.32
C GLU B 88 1.74 4.77 17.63
N LYS B 89 0.65 5.42 18.03
CA LYS B 89 -0.07 5.00 19.22
C LYS B 89 -0.70 3.62 19.04
N LEU B 90 -1.16 3.29 17.83
CA LEU B 90 -1.65 1.94 17.59
C LEU B 90 -0.54 0.92 17.77
N GLY B 91 0.66 1.24 17.29
CA GLY B 91 1.77 0.33 17.50
C GLY B 91 2.11 0.15 18.97
N GLU B 92 2.04 1.24 19.73
CA GLU B 92 2.32 1.15 21.16
C GLU B 92 1.29 0.26 21.84
N HIS B 93 0.04 0.34 21.39
CA HIS B 93 -1.01 -0.45 22.02
C HIS B 93 -0.83 -1.93 21.75
N ALA B 94 -0.18 -2.29 20.65
CA ALA B 94 0.00 -3.71 20.35
C ALA B 94 0.70 -4.44 21.50
N VAL B 95 1.60 -3.76 22.21
CA VAL B 95 2.24 -4.38 23.37
C VAL B 95 1.19 -4.83 24.39
N TRP B 96 0.22 -3.96 24.66
CA TRP B 96 -0.83 -4.30 25.63
C TRP B 96 -1.80 -5.32 25.08
N SER B 97 -2.10 -5.24 23.79
CA SER B 97 -2.91 -6.25 23.14
C SER B 97 -2.31 -7.64 23.32
N LEU B 98 -0.99 -7.76 23.14
CA LEU B 98 -0.34 -9.05 23.28
C LEU B 98 -0.28 -9.50 24.74
N GLN B 99 -0.32 -8.56 25.69
CA GLN B 99 -0.37 -8.95 27.10
C GLN B 99 -1.76 -9.46 27.46
N CYS B 100 -2.80 -8.73 27.05
CA CYS B 100 -4.15 -9.07 27.49
C CYS B 100 -4.78 -10.18 26.67
N PHE B 101 -4.40 -10.32 25.41
CA PHE B 101 -4.94 -11.33 24.51
C PHE B 101 -3.77 -12.03 23.86
N PRO B 102 -3.05 -12.87 24.61
CA PRO B 102 -1.72 -13.31 24.14
C PRO B 102 -1.73 -14.20 22.90
N ASP B 103 -2.84 -14.88 22.61
CA ASP B 103 -2.89 -15.86 21.53
C ASP B 103 -4.13 -15.66 20.66
N TRP B 104 -4.58 -14.43 20.53
CA TRP B 104 -5.83 -14.16 19.85
C TRP B 104 -5.79 -14.56 18.37
N VAL B 105 -6.87 -15.19 17.91
CA VAL B 105 -7.04 -15.56 16.52
C VAL B 105 -8.42 -15.13 16.06
N TRP B 106 -8.50 -14.55 14.86
CA TRP B 106 -9.77 -14.36 14.18
C TRP B 106 -10.06 -15.56 13.29
N THR B 107 -11.28 -16.09 13.38
CA THR B 107 -11.69 -17.28 12.63
C THR B 107 -12.98 -16.99 11.88
N ASP B 108 -13.36 -17.92 11.00
CA ASP B 108 -14.63 -17.83 10.28
C ASP B 108 -14.76 -16.50 9.55
N ILE B 109 -13.69 -16.07 8.91
CA ILE B 109 -13.63 -14.73 8.35
C ILE B 109 -14.41 -14.68 7.04
N GLN B 110 -15.34 -13.73 6.95
N GLN B 110 -15.36 -13.75 6.94
CA GLN B 110 -16.07 -13.42 5.73
CA GLN B 110 -16.00 -13.47 5.67
C GLN B 110 -15.87 -11.94 5.43
C GLN B 110 -15.92 -11.98 5.40
N ILE B 111 -15.27 -11.63 4.30
CA ILE B 111 -15.00 -10.25 3.92
C ILE B 111 -16.05 -9.81 2.93
N PHE B 112 -16.63 -8.64 3.20
CA PHE B 112 -17.63 -8.03 2.32
C PHE B 112 -17.07 -6.75 1.73
N GLU B 113 -16.87 -6.76 0.41
CA GLU B 113 -16.69 -5.51 -0.32
C GLU B 113 -18.02 -4.78 -0.37
N THR B 114 -17.98 -3.48 -0.67
CA THR B 114 -19.19 -2.68 -0.77
C THR B 114 -19.14 -1.82 -2.03
N GLN B 115 -20.21 -1.04 -2.24
CA GLN B 115 -20.21 -0.10 -3.37
C GLN B 115 -19.17 1.00 -3.21
N ASP B 116 -18.65 1.19 -2.01
CA ASP B 116 -17.57 2.13 -1.77
C ASP B 116 -16.27 1.34 -1.81
N PRO B 117 -15.38 1.57 -2.78
CA PRO B 117 -14.15 0.76 -2.85
C PRO B 117 -13.27 0.91 -1.63
N ASN B 118 -13.51 1.95 -0.83
CA ASN B 118 -12.74 2.24 0.37
C ASN B 118 -13.45 1.84 1.67
N TRP B 119 -14.54 1.05 1.59
CA TRP B 119 -15.26 0.61 2.77
C TRP B 119 -15.54 -0.87 2.68
N PHE B 120 -15.08 -1.63 3.67
CA PHE B 120 -15.31 -3.06 3.79
C PHE B 120 -15.93 -3.38 5.15
N TRP B 121 -16.70 -4.46 5.18
CA TRP B 121 -17.18 -5.05 6.42
C TRP B 121 -16.67 -6.49 6.51
N VAL B 122 -16.48 -6.96 7.73
CA VAL B 122 -16.04 -8.32 7.96
C VAL B 122 -16.93 -8.92 9.06
N GLU B 123 -17.45 -10.12 8.81
CA GLU B 123 -18.08 -10.92 9.84
C GLU B 123 -17.15 -12.06 10.20
N CYS B 124 -16.96 -12.32 11.49
CA CYS B 124 -16.01 -13.34 11.90
C CYS B 124 -16.28 -13.71 13.35
N ARG B 125 -15.50 -14.65 13.85
CA ARG B 125 -15.40 -14.91 15.27
C ARG B 125 -13.97 -14.66 15.71
N GLY B 126 -13.78 -14.58 17.02
CA GLY B 126 -12.45 -14.46 17.58
C GLY B 126 -12.36 -15.28 18.86
N GLU B 127 -11.14 -15.70 19.19
CA GLU B 127 -10.95 -16.56 20.34
C GLU B 127 -9.53 -16.45 20.86
N GLY B 128 -9.40 -16.57 22.17
CA GLY B 128 -8.10 -16.58 22.78
C GLY B 128 -8.22 -16.47 24.29
N ALA B 129 -7.09 -16.68 24.95
CA ALA B 129 -7.04 -16.41 26.37
C ALA B 129 -7.28 -14.93 26.60
N ILE B 130 -7.92 -14.61 27.72
CA ILE B 130 -8.06 -13.24 28.15
C ILE B 130 -7.35 -13.09 29.49
N VAL B 131 -6.41 -12.15 29.55
CA VAL B 131 -5.56 -11.96 30.72
C VAL B 131 -5.67 -10.49 31.12
N PHE B 132 -6.78 -10.13 31.75
CA PHE B 132 -6.98 -8.76 32.19
C PHE B 132 -6.47 -8.61 33.62
N PRO B 133 -5.67 -7.58 33.89
CA PRO B 133 -5.10 -7.44 35.24
C PRO B 133 -6.20 -7.42 36.30
N GLY B 134 -5.99 -8.19 37.37
CA GLY B 134 -6.95 -8.26 38.44
C GLY B 134 -8.18 -9.11 38.17
N TYR B 135 -8.25 -9.79 37.03
CA TYR B 135 -9.29 -10.78 36.80
C TYR B 135 -8.63 -12.14 36.63
N PRO B 136 -9.32 -13.22 36.96
CA PRO B 136 -8.75 -14.54 36.67
C PRO B 136 -8.53 -14.70 35.18
N ARG B 137 -7.45 -15.39 34.82
CA ARG B 137 -7.24 -15.77 33.43
C ARG B 137 -8.45 -16.55 32.95
N GLY B 138 -8.92 -16.22 31.74
CA GLY B 138 -10.09 -16.87 31.18
C GLY B 138 -9.87 -17.25 29.73
N GLN B 139 -10.90 -17.85 29.15
CA GLN B 139 -10.93 -18.17 27.74
C GLN B 139 -12.09 -17.37 27.16
N TYR B 140 -11.79 -16.56 26.16
CA TYR B 140 -12.77 -15.64 25.58
C TYR B 140 -13.07 -16.05 24.15
N ARG B 141 -14.36 -16.17 23.84
CA ARG B 141 -14.84 -16.43 22.49
C ARG B 141 -15.94 -15.42 22.18
N ASN B 142 -15.96 -14.89 20.97
CA ASN B 142 -17.08 -14.01 20.63
C ASN B 142 -17.25 -13.92 19.13
N HIS B 143 -18.43 -13.48 18.74
CA HIS B 143 -18.72 -13.09 17.37
C HIS B 143 -18.41 -11.61 17.20
N PHE B 144 -17.87 -11.25 16.04
CA PHE B 144 -17.49 -9.88 15.76
C PHE B 144 -17.92 -9.44 14.37
N LEU B 145 -18.20 -8.15 14.27
CA LEU B 145 -18.24 -7.45 13.00
C LEU B 145 -17.14 -6.40 13.00
N HIS B 146 -16.42 -6.25 11.89
CA HIS B 146 -15.44 -5.19 11.73
C HIS B 146 -15.82 -4.30 10.55
N SER B 147 -15.54 -3.01 10.70
CA SER B 147 -15.63 -2.03 9.62
C SER B 147 -14.23 -1.51 9.30
N PHE B 148 -13.92 -1.43 8.00
CA PHE B 148 -12.62 -0.92 7.56
C PHE B 148 -12.85 0.16 6.50
N ARG B 149 -12.37 1.37 6.77
CA ARG B 149 -12.43 2.47 5.83
C ARG B 149 -11.01 2.87 5.48
N PHE B 150 -10.77 3.05 4.18
CA PHE B 150 -9.44 3.23 3.60
C PHE B 150 -9.26 4.64 3.07
N GLU B 151 -8.00 5.06 3.09
CA GLU B 151 -7.55 6.29 2.46
C GLU B 151 -6.18 6.02 1.86
N ASN B 152 -6.05 6.22 0.54
CA ASN B 152 -4.77 6.08 -0.16
C ASN B 152 -4.12 4.74 0.17
N GLY B 153 -4.92 3.68 0.15
CA GLY B 153 -4.38 2.34 0.22
C GLY B 153 -4.05 1.83 1.60
N LEU B 154 -4.36 2.58 2.65
CA LEU B 154 -4.15 2.16 4.03
C LEU B 154 -5.43 2.38 4.83
N ILE B 155 -5.47 1.77 6.02
CA ILE B 155 -6.67 1.85 6.86
C ILE B 155 -6.71 3.21 7.55
N LYS B 156 -7.77 3.96 7.30
CA LYS B 156 -8.01 5.23 7.98
C LYS B 156 -8.83 5.01 9.25
N GLU B 157 -9.77 4.07 9.22
CA GLU B 157 -10.58 3.78 10.39
C GLU B 157 -10.96 2.31 10.42
N GLN B 158 -10.57 1.64 11.49
CA GLN B 158 -11.03 0.30 11.79
C GLN B 158 -11.90 0.37 13.04
N ARG B 159 -13.00 -0.39 13.04
CA ARG B 159 -13.88 -0.47 14.19
C ARG B 159 -14.34 -1.91 14.34
N GLU B 160 -14.37 -2.41 15.58
CA GLU B 160 -14.92 -3.74 15.84
C GLU B 160 -16.09 -3.67 16.80
N PHE B 161 -17.04 -4.57 16.56
CA PHE B 161 -18.33 -4.58 17.25
C PHE B 161 -18.62 -5.99 17.72
N MET B 162 -18.98 -6.15 19.00
CA MET B 162 -19.32 -7.45 19.55
C MET B 162 -20.38 -7.26 20.64
N ASN B 163 -20.81 -8.38 21.23
CA ASN B 163 -21.66 -8.38 22.41
C ASN B 163 -20.79 -8.43 23.66
N PRO B 164 -20.70 -7.34 24.44
CA PRO B 164 -19.80 -7.36 25.59
C PRO B 164 -20.20 -8.39 26.64
N CYS B 165 -21.44 -8.86 26.64
CA CYS B 165 -21.83 -9.86 27.64
C CYS B 165 -20.97 -11.11 27.58
N GLU B 166 -20.52 -11.50 26.38
CA GLU B 166 -19.66 -12.66 26.30
C GLU B 166 -18.29 -12.38 26.90
N GLN B 167 -17.81 -11.15 26.80
CA GLN B 167 -16.54 -10.81 27.43
C GLN B 167 -16.69 -10.76 28.95
N PHE B 168 -17.82 -10.22 29.44
CA PHE B 168 -18.09 -10.30 30.86
C PHE B 168 -18.00 -11.75 31.35
N ARG B 169 -18.66 -12.66 30.64
CA ARG B 169 -18.62 -14.06 31.07
C ARG B 169 -17.20 -14.59 31.14
N SER B 170 -16.36 -14.25 30.15
CA SER B 170 -14.99 -14.73 30.13
C SER B 170 -14.20 -14.22 31.32
N LEU B 171 -14.60 -13.09 31.90
CA LEU B 171 -13.91 -12.47 33.02
C LEU B 171 -14.54 -12.83 34.34
N GLY B 172 -15.56 -13.68 34.35
CA GLY B 172 -16.23 -14.02 35.59
C GLY B 172 -17.15 -12.95 36.13
N ILE B 173 -17.49 -11.96 35.30
CA ILE B 173 -18.37 -10.87 35.68
C ILE B 173 -19.81 -11.30 35.44
N GLU B 174 -20.69 -11.05 36.41
CA GLU B 174 -22.08 -11.44 36.32
C GLU B 174 -22.79 -10.62 35.26
N VAL B 175 -23.54 -11.29 34.40
CA VAL B 175 -24.27 -10.64 33.31
C VAL B 175 -25.70 -10.42 33.75
N PRO B 176 -26.24 -9.20 33.65
CA PRO B 176 -27.65 -8.98 33.96
C PRO B 176 -28.54 -9.81 33.05
N GLU B 177 -29.71 -10.18 33.56
CA GLU B 177 -30.69 -10.97 32.80
C GLU B 177 -31.97 -10.16 32.69
N VAL B 178 -32.42 -9.92 31.47
CA VAL B 178 -33.71 -9.29 31.24
C VAL B 178 -34.79 -10.32 31.51
N ARG B 179 -35.74 -9.97 32.38
CA ARG B 179 -36.84 -10.88 32.70
C ARG B 179 -37.79 -11.01 31.51
N ARG B 180 -38.11 -12.25 31.16
CA ARG B 180 -38.88 -12.50 29.95
C ARG B 180 -40.29 -12.98 30.18
N ASP B 181 -40.78 -12.91 31.40
CA ASP B 181 -42.10 -13.48 31.68
C ASP B 181 -43.18 -12.82 30.83
N GLY B 182 -43.10 -11.53 30.63
CA GLY B 182 -44.07 -10.83 29.83
C GLY B 182 -43.70 -10.66 28.36
N LEU B 183 -42.54 -11.16 27.92
CA LEU B 183 -41.96 -10.87 26.61
C LEU B 183 -41.84 -12.12 25.76
N PRO B 184 -42.80 -12.39 24.87
CA PRO B 184 -42.80 -13.65 24.13
C PRO B 184 -42.03 -13.56 22.82
N SER B 185 -41.43 -14.69 22.46
CA SER B 185 -40.81 -14.87 21.15
C SER B 185 -41.23 -16.22 20.59
N GLU C 32 19.44 -3.24 -45.86
CA GLU C 32 19.46 -3.49 -44.41
C GLU C 32 19.77 -2.19 -43.67
N ASN C 33 20.68 -1.40 -44.23
CA ASN C 33 20.98 -0.11 -43.64
C ASN C 33 19.75 0.77 -43.61
N ARG C 34 18.98 0.78 -44.70
CA ARG C 34 17.75 1.56 -44.73
C ARG C 34 16.76 1.08 -43.67
N ALA C 35 16.68 -0.24 -43.46
CA ALA C 35 15.75 -0.78 -42.48
C ALA C 35 16.18 -0.44 -41.07
N GLN C 36 17.48 -0.55 -40.79
CA GLN C 36 17.98 -0.14 -39.49
C GLN C 36 17.78 1.35 -39.27
N VAL C 37 18.07 2.17 -40.27
CA VAL C 37 17.87 3.61 -40.16
C VAL C 37 16.40 3.90 -39.87
N ALA C 38 15.51 3.24 -40.61
CA ALA C 38 14.08 3.46 -40.41
C ALA C 38 13.65 3.06 -39.01
N ALA C 39 14.13 1.91 -38.53
CA ALA C 39 13.79 1.46 -37.18
C ALA C 39 14.28 2.46 -36.14
N ARG C 40 15.52 2.93 -36.27
CA ARG C 40 16.02 3.89 -35.30
C ARG C 40 15.16 5.16 -35.27
N GLN C 41 14.79 5.68 -36.45
CA GLN C 41 14.03 6.92 -36.51
C GLN C 41 12.65 6.75 -35.87
N HIS C 42 11.98 5.64 -36.17
CA HIS C 42 10.68 5.40 -35.57
C HIS C 42 10.81 5.20 -34.06
N ASN C 43 11.81 4.42 -33.63
CA ASN C 43 11.95 4.15 -32.20
C ASN C 43 12.22 5.44 -31.45
N ARG C 44 13.02 6.32 -32.04
CA ARG C 44 13.30 7.59 -31.39
C ARG C 44 12.01 8.38 -31.15
N LYS C 45 11.06 8.32 -32.09
CA LYS C 45 9.80 9.02 -31.88
C LYS C 45 9.03 8.43 -30.69
N ILE C 46 9.10 7.11 -30.52
CA ILE C 46 8.44 6.47 -29.37
C ILE C 46 9.10 6.91 -28.07
N VAL C 47 10.44 6.96 -28.03
CA VAL C 47 11.14 7.42 -26.82
C VAL C 47 10.72 8.85 -26.49
N GLU C 48 10.69 9.72 -27.51
CA GLU C 48 10.24 11.09 -27.31
C GLU C 48 8.84 11.11 -26.74
N GLN C 49 7.94 10.34 -27.33
CA GLN C 49 6.57 10.33 -26.83
C GLN C 49 6.51 9.89 -25.39
N TYR C 50 7.23 8.81 -25.06
CA TYR C 50 7.24 8.32 -23.69
C TYR C 50 7.72 9.40 -22.74
N MET C 51 8.83 10.04 -23.07
CA MET C 51 9.42 11.01 -22.15
C MET C 51 8.53 12.23 -21.96
N HIS C 52 7.65 12.51 -22.92
CA HIS C 52 6.76 13.66 -22.85
C HIS C 52 5.34 13.30 -22.43
N THR C 53 5.10 12.07 -22.02
CA THR C 53 3.77 11.66 -21.59
C THR C 53 3.51 12.17 -20.19
N ARG C 54 2.50 13.03 -20.05
CA ARG C 54 2.19 13.68 -18.80
C ARG C 54 0.69 13.66 -18.58
N GLY C 55 0.29 13.88 -17.34
CA GLY C 55 -1.12 14.02 -17.02
C GLY C 55 -1.90 12.76 -17.33
N GLU C 56 -3.15 12.96 -17.76
CA GLU C 56 -4.01 11.82 -18.00
C GLU C 56 -3.50 10.90 -19.09
N ALA C 57 -2.67 11.42 -20.01
CA ALA C 57 -2.05 10.59 -21.03
C ALA C 57 -1.21 9.47 -20.43
N ARG C 58 -0.79 9.61 -19.17
CA ARG C 58 -0.05 8.54 -18.52
C ARG C 58 -0.87 7.26 -18.42
N LEU C 59 -2.20 7.38 -18.42
CA LEU C 59 -3.04 6.19 -18.35
C LEU C 59 -2.93 5.31 -19.60
N LYS C 60 -2.39 5.85 -20.70
CA LYS C 60 -2.23 5.09 -21.93
C LYS C 60 -0.77 4.92 -22.34
N ARG C 61 0.18 5.30 -21.51
CA ARG C 61 1.58 5.16 -21.88
C ARG C 61 1.97 3.70 -22.15
N HIS C 62 1.25 2.76 -21.52
CA HIS C 62 1.57 1.35 -21.68
C HIS C 62 1.34 0.88 -23.10
N LEU C 63 0.56 1.62 -23.89
CA LEU C 63 0.35 1.24 -25.28
C LEU C 63 1.60 1.44 -26.14
N LEU C 64 2.64 2.06 -25.59
CA LEU C 64 3.92 2.15 -26.28
C LEU C 64 4.77 0.89 -26.09
N PHE C 65 4.29 -0.09 -25.34
CA PHE C 65 5.02 -1.33 -25.08
C PHE C 65 4.48 -2.48 -25.93
N THR C 66 5.34 -3.47 -26.15
CA THR C 66 4.88 -4.76 -26.67
C THR C 66 3.97 -5.41 -25.64
N GLU C 67 3.21 -6.41 -26.08
CA GLU C 67 2.27 -7.06 -25.17
C GLU C 67 2.97 -7.64 -23.95
N ASP C 68 4.18 -8.19 -24.14
CA ASP C 68 4.97 -8.75 -23.05
C ASP C 68 6.04 -7.78 -22.59
N GLY C 69 5.89 -6.50 -22.85
CA GLY C 69 6.89 -5.53 -22.47
C GLY C 69 7.01 -5.37 -20.96
N VAL C 70 8.20 -4.93 -20.55
CA VAL C 70 8.56 -4.75 -19.14
C VAL C 70 9.01 -3.31 -18.93
N GLY C 71 8.55 -2.71 -17.83
CA GLY C 71 9.07 -1.43 -17.40
C GLY C 71 9.37 -1.51 -15.91
N GLY C 72 10.25 -0.64 -15.46
CA GLY C 72 10.54 -0.70 -14.05
C GLY C 72 11.61 0.24 -13.57
N LEU C 73 11.68 0.32 -12.25
CA LEU C 73 12.72 1.05 -11.53
C LEU C 73 13.78 0.05 -11.09
N TRP C 74 15.01 0.26 -11.55
CA TRP C 74 16.07 -0.70 -11.32
C TRP C 74 16.89 -0.39 -10.07
N THR C 75 16.70 0.77 -9.46
CA THR C 75 17.51 1.23 -8.34
C THR C 75 16.57 1.52 -7.17
N THR C 76 16.56 0.63 -6.19
CA THR C 76 15.69 0.75 -5.03
C THR C 76 16.47 0.42 -3.76
N ASP C 77 15.81 0.63 -2.63
CA ASP C 77 16.47 0.37 -1.35
C ASP C 77 16.87 -1.09 -1.21
N SER C 78 16.12 -2.01 -1.82
CA SER C 78 16.35 -3.43 -1.62
C SER C 78 17.49 -3.96 -2.45
N GLY C 79 17.88 -3.25 -3.51
CA GLY C 79 18.83 -3.76 -4.47
C GLY C 79 18.20 -4.57 -5.59
N GLN C 80 16.88 -4.81 -5.53
CA GLN C 80 16.17 -5.50 -6.61
C GLN C 80 15.28 -4.53 -7.36
N PRO C 81 15.06 -4.74 -8.66
CA PRO C 81 14.17 -3.84 -9.41
C PRO C 81 12.74 -4.01 -8.95
N ILE C 82 11.97 -2.94 -9.13
CA ILE C 82 10.52 -3.00 -9.09
C ILE C 82 10.11 -2.95 -10.55
N ALA C 83 9.80 -4.12 -11.11
CA ALA C 83 9.53 -4.27 -12.53
C ALA C 83 8.13 -4.81 -12.69
N ILE C 84 7.45 -4.30 -13.72
CA ILE C 84 6.08 -4.65 -14.03
C ILE C 84 6.12 -5.30 -15.41
N ARG C 85 5.58 -6.50 -15.51
CA ARG C 85 5.77 -7.34 -16.69
C ARG C 85 4.44 -7.51 -17.42
N GLY C 86 4.38 -7.00 -18.64
CA GLY C 86 3.19 -7.14 -19.46
C GLY C 86 2.51 -5.81 -19.66
N ARG C 87 2.10 -5.57 -20.91
CA ARG C 87 1.45 -4.31 -21.25
C ARG C 87 0.22 -4.06 -20.38
N GLU C 88 -0.62 -5.08 -20.19
CA GLU C 88 -1.83 -4.88 -19.40
C GLU C 88 -1.49 -4.54 -17.95
N LYS C 89 -0.50 -5.23 -17.36
CA LYS C 89 -0.10 -4.90 -16.00
C LYS C 89 0.54 -3.52 -15.90
N LEU C 90 1.26 -3.09 -16.93
CA LEU C 90 1.77 -1.72 -16.94
C LEU C 90 0.62 -0.71 -16.93
N GLY C 91 -0.43 -0.97 -17.71
CA GLY C 91 -1.57 -0.07 -17.69
C GLY C 91 -2.25 -0.01 -16.34
N GLU C 92 -2.36 -1.15 -15.66
CA GLU C 92 -2.93 -1.17 -14.33
C GLU C 92 -2.07 -0.39 -13.34
N HIS C 93 -0.74 -0.46 -13.47
CA HIS C 93 0.12 0.27 -12.56
C HIS C 93 0.00 1.78 -12.74
N ALA C 94 -0.36 2.24 -13.94
CA ALA C 94 -0.42 3.68 -14.16
C ALA C 94 -1.44 4.36 -13.24
N VAL C 95 -2.48 3.65 -12.83
CA VAL C 95 -3.41 4.21 -11.85
C VAL C 95 -2.68 4.61 -10.58
N TRP C 96 -1.84 3.71 -10.08
CA TRP C 96 -1.07 3.99 -8.88
C TRP C 96 0.01 5.04 -9.11
N SER C 97 0.66 5.00 -10.26
CA SER C 97 1.64 6.04 -10.61
C SER C 97 1.01 7.43 -10.51
N LEU C 98 -0.18 7.60 -11.09
CA LEU C 98 -0.84 8.90 -11.08
C LEU C 98 -1.25 9.32 -9.68
N GLN C 99 -1.52 8.36 -8.80
CA GLN C 99 -1.84 8.69 -7.42
C GLN C 99 -0.59 9.11 -6.67
N CYS C 100 0.50 8.35 -6.82
CA CYS C 100 1.70 8.58 -6.05
C CYS C 100 2.52 9.75 -6.57
N PHE C 101 2.46 10.02 -7.86
CA PHE C 101 3.24 11.09 -8.50
C PHE C 101 2.28 11.89 -9.40
N PRO C 102 1.41 12.71 -8.79
CA PRO C 102 0.26 13.24 -9.56
C PRO C 102 0.60 14.27 -10.63
N ASP C 103 1.74 14.94 -10.55
CA ASP C 103 2.09 15.97 -11.51
C ASP C 103 3.48 15.74 -12.10
N TRP C 104 3.94 14.49 -12.11
CA TRP C 104 5.31 14.19 -12.47
C TRP C 104 5.66 14.64 -13.88
N VAL C 105 6.84 15.26 -14.01
CA VAL C 105 7.36 15.64 -15.32
C VAL C 105 8.82 15.24 -15.40
N TRP C 106 9.22 14.79 -16.58
CA TRP C 106 10.61 14.65 -16.96
C TRP C 106 11.07 15.93 -17.65
N THR C 107 12.27 16.37 -17.28
CA THR C 107 12.86 17.62 -17.76
C THR C 107 14.30 17.36 -18.17
N ASP C 108 14.90 18.35 -18.84
CA ASP C 108 16.32 18.26 -19.23
C ASP C 108 16.57 16.99 -20.02
N ILE C 109 15.66 16.68 -20.93
CA ILE C 109 15.67 15.38 -21.60
C ILE C 109 16.73 15.40 -22.69
N GLN C 110 17.64 14.43 -22.63
CA GLN C 110 18.62 14.21 -23.67
C GLN C 110 18.52 12.76 -24.12
N ILE C 111 18.16 12.55 -25.37
CA ILE C 111 17.96 11.22 -25.94
C ILE C 111 19.23 10.81 -26.68
N PHE C 112 19.72 9.61 -26.38
CA PHE C 112 20.90 9.06 -27.04
C PHE C 112 20.49 7.85 -27.87
N GLU C 113 20.62 7.96 -29.19
CA GLU C 113 20.59 6.79 -30.04
C GLU C 113 21.90 6.03 -29.83
N THR C 114 21.93 4.77 -30.26
CA THR C 114 23.14 3.96 -30.14
C THR C 114 23.40 3.22 -31.44
N GLN C 115 24.47 2.44 -31.46
CA GLN C 115 24.75 1.62 -32.63
C GLN C 115 23.68 0.53 -32.84
N ASP C 116 22.91 0.22 -31.81
CA ASP C 116 21.79 -0.70 -31.93
C ASP C 116 20.55 0.14 -32.21
N PRO C 117 19.92 0.02 -33.38
CA PRO C 117 18.74 0.85 -33.68
C PRO C 117 17.58 0.60 -32.74
N ASN C 118 17.62 -0.49 -31.99
CA ASN C 118 16.59 -0.83 -31.02
C ASN C 118 16.98 -0.55 -29.58
N TRP C 119 18.05 0.20 -29.32
CA TRP C 119 18.47 0.51 -27.96
C TRP C 119 18.79 1.98 -27.86
N PHE C 120 18.12 2.65 -26.92
CA PHE C 120 18.30 4.05 -26.63
C PHE C 120 18.56 4.22 -25.14
N TRP C 121 19.29 5.29 -24.83
CA TRP C 121 19.47 5.75 -23.47
C TRP C 121 18.97 7.18 -23.37
N VAL C 122 18.47 7.56 -22.21
CA VAL C 122 17.98 8.91 -21.97
C VAL C 122 18.55 9.41 -20.65
N GLU C 123 19.15 10.58 -20.66
CA GLU C 123 19.54 11.27 -19.43
C GLU C 123 18.54 12.40 -19.21
N CYS C 124 18.05 12.55 -17.99
CA CYS C 124 17.07 13.58 -17.72
C CYS C 124 17.00 13.83 -16.22
N ARG C 125 16.15 14.77 -15.84
N ARG C 125 16.14 14.77 -15.84
CA ARG C 125 15.72 14.91 -14.47
CA ARG C 125 15.73 14.95 -14.46
C ARG C 125 14.22 14.62 -14.40
C ARG C 125 14.21 14.74 -14.39
N GLY C 126 13.74 14.45 -13.19
CA GLY C 126 12.32 14.29 -12.96
C GLY C 126 11.94 14.98 -11.67
N GLU C 127 10.72 15.51 -11.65
CA GLU C 127 10.28 16.15 -10.43
C GLU C 127 8.77 16.16 -10.33
N GLY C 128 8.31 16.21 -9.09
CA GLY C 128 6.90 16.32 -8.83
C GLY C 128 6.60 16.04 -7.39
N ALA C 129 5.35 16.29 -7.03
CA ALA C 129 4.87 15.89 -5.71
C ALA C 129 5.01 14.38 -5.56
N ILE C 130 5.33 13.93 -4.35
CA ILE C 130 5.35 12.51 -4.03
C ILE C 130 4.33 12.29 -2.93
N VAL C 131 3.37 11.39 -3.20
CA VAL C 131 2.24 11.13 -2.30
C VAL C 131 2.21 9.64 -2.02
N PHE C 132 3.14 9.17 -1.21
CA PHE C 132 3.26 7.75 -0.93
C PHE C 132 2.40 7.41 0.28
N PRO C 133 1.65 6.31 0.22
CA PRO C 133 0.79 5.98 1.37
C PRO C 133 1.57 5.90 2.66
N GLY C 134 1.06 6.57 3.70
CA GLY C 134 1.66 6.51 5.01
C GLY C 134 2.89 7.39 5.18
N TYR C 135 3.25 8.19 4.19
CA TYR C 135 4.30 9.17 4.33
C TYR C 135 3.71 10.56 4.16
N PRO C 136 4.32 11.58 4.75
CA PRO C 136 3.86 12.95 4.46
C PRO C 136 4.03 13.28 2.98
N ARG C 137 3.07 14.02 2.45
CA ARG C 137 3.23 14.55 1.09
C ARG C 137 4.52 15.33 1.01
N GLY C 138 5.29 15.09 -0.05
CA GLY C 138 6.57 15.74 -0.23
C GLY C 138 6.76 16.21 -1.65
N GLN C 139 7.96 16.74 -1.91
N GLN C 139 7.96 16.74 -1.91
CA GLN C 139 8.37 17.14 -3.24
CA GLN C 139 8.36 17.14 -3.24
C GLN C 139 9.63 16.35 -3.57
C GLN C 139 9.62 16.35 -3.58
N TYR C 140 9.59 15.63 -4.69
CA TYR C 140 10.67 14.72 -5.07
C TYR C 140 11.29 15.23 -6.36
N ARG C 141 12.61 15.36 -6.36
CA ARG C 141 13.38 15.72 -7.54
C ARG C 141 14.55 14.77 -7.64
N ASN C 142 14.88 14.32 -8.86
CA ASN C 142 16.03 13.44 -8.97
C ASN C 142 16.57 13.46 -10.39
N HIS C 143 17.79 12.98 -10.52
CA HIS C 143 18.42 12.73 -11.82
C HIS C 143 18.16 11.28 -12.22
N PHE C 144 17.87 11.05 -13.50
CA PHE C 144 17.54 9.72 -13.98
C PHE C 144 18.29 9.38 -15.25
N LEU C 145 18.59 8.10 -15.40
CA LEU C 145 18.94 7.52 -16.68
C LEU C 145 17.88 6.48 -17.03
N HIS C 146 17.43 6.49 -18.28
CA HIS C 146 16.50 5.50 -18.76
C HIS C 146 17.13 4.69 -19.89
N SER C 147 16.83 3.39 -19.91
CA SER C 147 17.19 2.49 -21.00
C SER C 147 15.91 2.05 -21.68
N PHE C 148 15.87 2.13 -23.02
CA PHE C 148 14.74 1.68 -23.82
C PHE C 148 15.24 0.68 -24.85
N ARG C 149 14.71 -0.53 -24.81
CA ARG C 149 14.97 -1.54 -25.81
C ARG C 149 13.67 -1.86 -26.53
N PHE C 150 13.75 -1.95 -27.86
CA PHE C 150 12.59 -2.06 -28.74
C PHE C 150 12.54 -3.41 -29.44
N GLU C 151 11.32 -3.83 -29.74
CA GLU C 151 11.05 -4.98 -30.59
C GLU C 151 9.84 -4.62 -31.45
N ASN C 152 9.99 -4.71 -32.76
CA ASN C 152 8.85 -4.52 -33.67
C ASN C 152 8.19 -3.16 -33.46
N GLY C 153 9.00 -2.14 -33.22
CA GLY C 153 8.51 -0.79 -33.18
C GLY C 153 7.89 -0.35 -31.88
N LEU C 154 7.90 -1.18 -30.84
CA LEU C 154 7.39 -0.81 -29.53
C LEU C 154 8.41 -1.16 -28.46
N ILE C 155 8.20 -0.64 -27.25
CA ILE C 155 9.14 -0.85 -26.16
C ILE C 155 9.00 -2.26 -25.61
N LYS C 156 10.07 -3.04 -25.68
CA LYS C 156 10.13 -4.34 -25.06
C LYS C 156 10.65 -4.26 -23.62
N GLU C 157 11.58 -3.36 -23.33
CA GLU C 157 12.10 -3.20 -21.97
C GLU C 157 12.46 -1.75 -21.73
N GLN C 158 11.83 -1.15 -20.72
CA GLN C 158 12.20 0.14 -20.19
C GLN C 158 12.75 -0.07 -18.80
N ARG C 159 13.84 0.62 -18.47
CA ARG C 159 14.44 0.57 -17.14
C ARG C 159 14.84 1.98 -16.76
N GLU C 160 14.57 2.38 -15.52
CA GLU C 160 15.06 3.65 -15.04
C GLU C 160 15.96 3.46 -13.82
N PHE C 161 16.95 4.35 -13.74
CA PHE C 161 18.02 4.29 -12.75
C PHE C 161 18.20 5.66 -12.12
N MET C 162 18.22 5.68 -10.79
CA MET C 162 18.43 6.94 -10.07
C MET C 162 19.16 6.64 -8.77
N ASN C 163 19.41 7.69 -7.99
CA ASN C 163 19.97 7.56 -6.66
C ASN C 163 18.83 7.53 -5.65
N PRO C 164 18.54 6.38 -5.04
CA PRO C 164 17.40 6.31 -4.11
C PRO C 164 17.53 7.26 -2.93
N CYS C 165 18.73 7.71 -2.59
CA CYS C 165 18.87 8.61 -1.45
C CYS C 165 18.04 9.88 -1.61
N GLU C 166 17.89 10.38 -2.85
CA GLU C 166 17.07 11.57 -3.04
C GLU C 166 15.59 11.26 -2.83
N GLN C 167 15.15 10.05 -3.15
CA GLN C 167 13.77 9.69 -2.87
C GLN C 167 13.56 9.52 -1.37
N PHE C 168 14.53 8.93 -0.66
CA PHE C 168 14.44 8.88 0.79
C PHE C 168 14.22 10.27 1.37
N ARG C 169 15.03 11.24 0.92
CA ARG C 169 14.90 12.60 1.43
C ARG C 169 13.50 13.15 1.20
N SER C 170 12.92 12.90 0.02
CA SER C 170 11.61 13.44 -0.29
C SER C 170 10.54 12.86 0.62
N LEU C 171 10.79 11.68 1.17
CA LEU C 171 9.84 11.00 2.05
C LEU C 171 10.14 11.22 3.51
N GLY C 172 11.13 12.04 3.83
CA GLY C 172 11.50 12.28 5.22
C GLY C 172 12.25 11.14 5.88
N ILE C 173 12.76 10.20 5.09
CA ILE C 173 13.52 9.05 5.56
C ILE C 173 14.99 9.48 5.72
N GLU C 174 15.58 9.16 6.86
CA GLU C 174 16.98 9.53 7.11
C GLU C 174 17.91 8.75 6.18
N VAL C 175 18.87 9.45 5.61
CA VAL C 175 19.87 8.85 4.71
C VAL C 175 21.15 8.68 5.51
N PRO C 176 21.75 7.49 5.55
CA PRO C 176 23.02 7.38 6.27
C PRO C 176 24.12 8.08 5.49
N GLU C 177 25.16 8.43 6.23
CA GLU C 177 26.28 9.20 5.70
C GLU C 177 27.53 8.35 5.90
N VAL C 178 28.27 8.14 4.82
CA VAL C 178 29.55 7.46 4.89
C VAL C 178 30.56 8.44 5.49
N ARG C 179 31.22 8.04 6.57
CA ARG C 179 32.22 8.88 7.21
C ARG C 179 33.45 9.06 6.31
N ARG C 180 33.90 10.32 6.15
CA ARG C 180 34.91 10.67 5.15
C ARG C 180 36.29 10.95 5.74
N ASP C 181 36.47 10.70 7.03
CA ASP C 181 37.72 11.14 7.68
C ASP C 181 38.97 10.61 6.97
N GLY C 182 38.95 9.37 6.53
CA GLY C 182 40.08 8.82 5.79
C GLY C 182 39.80 8.59 4.32
N LEU C 183 38.94 9.42 3.72
CA LEU C 183 38.51 9.22 2.34
C LEU C 183 38.67 10.53 1.58
N PRO C 184 39.88 10.83 1.12
CA PRO C 184 40.13 12.16 0.56
C PRO C 184 39.75 12.23 -0.91
N SER C 185 39.28 13.40 -1.30
CA SER C 185 39.02 13.71 -2.71
C SER C 185 39.50 15.13 -2.97
N GLU D 32 32.42 16.23 -43.09
CA GLU D 32 32.04 16.30 -41.69
C GLU D 32 31.66 14.91 -41.18
N ASN D 33 31.00 14.13 -42.04
CA ASN D 33 30.67 12.76 -41.68
C ASN D 33 31.94 11.95 -41.45
N ARG D 34 32.94 12.11 -42.32
CA ARG D 34 34.19 11.38 -42.16
C ARG D 34 34.91 11.80 -40.88
N ALA D 35 34.87 13.08 -40.55
CA ALA D 35 35.49 13.55 -39.30
C ALA D 35 34.76 12.98 -38.09
N GLN D 36 33.43 12.96 -38.14
CA GLN D 36 32.69 12.37 -37.03
C GLN D 36 32.99 10.89 -36.91
N VAL D 37 33.07 10.18 -38.03
CA VAL D 37 33.36 8.75 -38.00
C VAL D 37 34.71 8.49 -37.36
N ALA D 38 35.73 9.24 -37.80
CA ALA D 38 37.08 9.06 -37.25
C ALA D 38 37.10 9.32 -35.75
N ALA D 39 36.44 10.39 -35.30
CA ALA D 39 36.40 10.69 -33.88
C ALA D 39 35.78 9.55 -33.09
N ARG D 40 34.66 9.01 -33.57
CA ARG D 40 33.97 7.97 -32.81
C ARG D 40 34.83 6.72 -32.65
N GLN D 41 35.51 6.31 -33.72
CA GLN D 41 36.30 5.08 -33.67
C GLN D 41 37.47 5.20 -32.70
N HIS D 42 38.15 6.35 -32.72
CA HIS D 42 39.24 6.56 -31.77
C HIS D 42 38.70 6.64 -30.34
N ASN D 43 37.63 7.39 -30.14
CA ASN D 43 37.11 7.54 -28.79
C ASN D 43 36.66 6.20 -28.22
N ARG D 44 36.05 5.35 -29.03
CA ARG D 44 35.64 4.03 -28.55
C ARG D 44 36.84 3.26 -27.98
N LYS D 45 38.00 3.35 -28.64
CA LYS D 45 39.17 2.63 -28.15
C LYS D 45 39.57 3.14 -26.77
N ILE D 46 39.46 4.45 -26.56
CA ILE D 46 39.77 5.04 -25.26
C ILE D 46 38.79 4.54 -24.21
N VAL D 47 37.49 4.47 -24.53
CA VAL D 47 36.51 3.96 -23.58
C VAL D 47 36.83 2.52 -23.22
N GLU D 48 37.11 1.70 -24.23
N GLU D 48 37.10 1.70 -24.23
CA GLU D 48 37.49 0.31 -23.98
CA GLU D 48 37.49 0.31 -24.00
C GLU D 48 38.69 0.23 -23.06
C GLU D 48 38.68 0.24 -23.06
N GLN D 49 39.73 1.01 -23.35
CA GLN D 49 40.91 0.97 -22.51
C GLN D 49 40.58 1.37 -21.07
N TYR D 50 39.81 2.46 -20.91
CA TYR D 50 39.44 2.88 -19.57
C TYR D 50 38.72 1.77 -18.82
N MET D 51 37.72 1.15 -19.45
CA MET D 51 36.93 0.15 -18.76
C MET D 51 37.73 -1.09 -18.40
N HIS D 52 38.77 -1.41 -19.17
CA HIS D 52 39.61 -2.55 -18.88
C HIS D 52 40.80 -2.22 -18.00
N THR D 53 40.94 -0.97 -17.55
CA THR D 53 42.09 -0.58 -16.75
C THR D 53 41.93 -1.11 -15.32
N ARG D 54 42.93 -1.86 -14.86
CA ARG D 54 42.90 -2.42 -13.53
C ARG D 54 44.33 -2.59 -13.05
N GLY D 55 44.47 -2.95 -11.78
CA GLY D 55 45.78 -3.17 -11.21
C GLY D 55 46.63 -1.91 -11.26
N GLU D 56 47.94 -2.12 -11.44
CA GLU D 56 48.88 -1.00 -11.41
C GLU D 56 48.65 -0.02 -12.56
N ALA D 57 48.05 -0.47 -13.66
CA ALA D 57 47.73 0.45 -14.75
C ALA D 57 46.78 1.55 -14.31
N ARG D 58 46.04 1.36 -13.22
CA ARG D 58 45.19 2.42 -12.70
C ARG D 58 45.98 3.68 -12.35
N LEU D 59 47.27 3.55 -12.04
CA LEU D 59 48.07 4.73 -11.71
C LEU D 59 48.25 5.65 -12.90
N LYS D 60 48.00 5.19 -14.12
CA LYS D 60 48.17 5.99 -15.31
C LYS D 60 46.87 6.22 -16.07
N ARG D 61 45.73 5.82 -15.51
CA ARG D 61 44.47 5.98 -16.23
C ARG D 61 44.16 7.45 -16.50
N HIS D 62 44.65 8.36 -15.65
CA HIS D 62 44.40 9.78 -15.82
C HIS D 62 44.97 10.31 -17.12
N LEU D 63 45.92 9.60 -17.71
CA LEU D 63 46.49 10.06 -18.97
C LEU D 63 45.48 9.95 -20.12
N LEU D 64 44.35 9.31 -19.89
CA LEU D 64 43.28 9.25 -20.88
C LEU D 64 42.39 10.49 -20.86
N PHE D 65 42.67 11.45 -19.96
CA PHE D 65 41.87 12.66 -19.83
C PHE D 65 42.58 13.88 -20.41
N THR D 66 41.77 14.86 -20.79
CA THR D 66 42.29 16.18 -21.11
C THR D 66 42.89 16.81 -19.86
N GLU D 67 43.71 17.85 -20.06
CA GLU D 67 44.38 18.46 -18.91
C GLU D 67 43.38 18.95 -17.86
N ASP D 68 42.25 19.49 -18.31
CA ASP D 68 41.21 20.00 -17.43
C ASP D 68 40.05 19.02 -17.31
N GLY D 69 40.28 17.74 -17.62
CA GLY D 69 39.22 16.76 -17.55
C GLY D 69 38.73 16.49 -16.14
N VAL D 70 37.49 16.02 -16.07
CA VAL D 70 36.79 15.76 -14.82
C VAL D 70 36.36 14.30 -14.80
N GLY D 71 36.51 13.66 -13.65
CA GLY D 71 35.96 12.34 -13.43
C GLY D 71 35.30 12.29 -12.07
N GLY D 72 34.35 11.37 -11.92
CA GLY D 72 33.78 11.27 -10.59
C GLY D 72 32.59 10.36 -10.50
N LEU D 73 32.16 10.21 -9.25
CA LEU D 73 30.98 9.43 -8.86
C LEU D 73 29.82 10.39 -8.65
N TRP D 74 28.77 10.23 -9.45
CA TRP D 74 27.67 11.18 -9.43
C TRP D 74 26.58 10.82 -8.44
N THR D 75 26.59 9.62 -7.89
CA THR D 75 25.51 9.12 -7.05
C THR D 75 26.09 8.77 -5.69
N THR D 76 25.84 9.61 -4.70
CA THR D 76 26.39 9.42 -3.37
C THR D 76 25.31 9.68 -2.32
N ASP D 77 25.65 9.41 -1.06
CA ASP D 77 24.68 9.62 0.00
C ASP D 77 24.23 11.08 0.10
N SER D 78 25.11 12.02 -0.23
CA SER D 78 24.79 13.42 -0.02
C SER D 78 23.92 14.01 -1.11
N GLY D 79 23.87 13.36 -2.27
CA GLY D 79 23.20 13.92 -3.42
C GLY D 79 24.08 14.78 -4.29
N GLN D 80 25.31 15.02 -3.88
CA GLN D 80 26.25 15.77 -4.68
C GLN D 80 27.34 14.85 -5.21
N PRO D 81 27.88 15.11 -6.39
CA PRO D 81 28.95 14.25 -6.90
C PRO D 81 30.21 14.36 -6.04
N ILE D 82 31.02 13.31 -6.09
CA ILE D 82 32.41 13.37 -5.66
C ILE D 82 33.21 13.34 -6.95
N ALA D 83 33.66 14.51 -7.35
CA ALA D 83 34.30 14.72 -8.64
C ALA D 83 35.66 15.36 -8.42
N ILE D 84 36.57 15.01 -9.31
CA ILE D 84 37.92 15.53 -9.29
C ILE D 84 38.15 16.20 -10.64
N ARG D 85 38.61 17.46 -10.61
CA ARG D 85 38.80 18.23 -11.84
C ARG D 85 40.29 18.44 -12.06
N GLY D 86 40.75 18.03 -13.21
CA GLY D 86 42.13 18.22 -13.59
C GLY D 86 42.87 16.91 -13.70
N ARG D 87 43.58 16.74 -14.81
CA ARG D 87 44.28 15.49 -15.05
C ARG D 87 45.26 15.16 -13.94
N GLU D 88 46.04 16.15 -13.49
CA GLU D 88 47.01 15.82 -12.46
C GLU D 88 46.33 15.47 -11.14
N LYS D 89 45.24 16.16 -10.79
CA LYS D 89 44.49 15.79 -9.60
C LYS D 89 43.86 14.41 -9.73
N LEU D 90 43.41 14.03 -10.93
CA LEU D 90 42.92 12.67 -11.13
C LEU D 90 44.03 11.66 -10.90
N GLY D 91 45.25 11.97 -11.36
CA GLY D 91 46.35 11.06 -11.13
C GLY D 91 46.68 10.93 -9.65
N GLU D 92 46.60 12.05 -8.92
CA GLU D 92 46.80 11.99 -7.48
C GLU D 92 45.73 11.13 -6.80
N HIS D 93 44.49 11.21 -7.28
CA HIS D 93 43.44 10.45 -6.64
C HIS D 93 43.60 8.95 -6.86
N ALA D 94 44.29 8.55 -7.93
CA ALA D 94 44.44 7.12 -8.19
C ALA D 94 45.13 6.40 -7.04
N VAL D 95 46.01 7.09 -6.32
CA VAL D 95 46.63 6.49 -5.14
C VAL D 95 45.56 6.07 -4.13
N TRP D 96 44.61 6.95 -3.86
CA TRP D 96 43.53 6.66 -2.92
C TRP D 96 42.55 5.63 -3.47
N SER D 97 42.28 5.67 -4.77
CA SER D 97 41.47 4.65 -5.41
C SER D 97 42.06 3.26 -5.18
N LEU D 98 43.39 3.12 -5.34
CA LEU D 98 44.01 1.81 -5.19
C LEU D 98 44.05 1.38 -3.73
N GLN D 99 44.05 2.32 -2.79
CA GLN D 99 43.96 1.96 -1.39
C GLN D 99 42.56 1.49 -1.02
N CYS D 100 41.54 2.21 -1.46
CA CYS D 100 40.19 1.91 -0.99
C CYS D 100 39.53 0.78 -1.79
N PHE D 101 39.93 0.59 -3.04
CA PHE D 101 39.38 -0.43 -3.92
C PHE D 101 40.57 -1.15 -4.54
N PRO D 102 41.25 -2.00 -3.77
CA PRO D 102 42.59 -2.47 -4.19
C PRO D 102 42.59 -3.42 -5.37
N ASP D 103 41.48 -4.08 -5.67
CA ASP D 103 41.44 -5.08 -6.73
C ASP D 103 40.23 -4.88 -7.65
N TRP D 104 39.79 -3.63 -7.81
CA TRP D 104 38.54 -3.37 -8.52
C TRP D 104 38.62 -3.79 -9.98
N VAL D 105 37.55 -4.43 -10.45
CA VAL D 105 37.38 -4.81 -11.84
C VAL D 105 36.02 -4.38 -12.34
N TRP D 106 35.97 -3.84 -13.56
CA TRP D 106 34.72 -3.66 -14.29
C TRP D 106 34.43 -4.90 -15.12
N THR D 107 33.21 -5.40 -15.05
CA THR D 107 32.80 -6.61 -15.75
C THR D 107 31.54 -6.33 -16.54
N ASP D 108 31.13 -7.31 -17.36
CA ASP D 108 29.86 -7.22 -18.08
C ASP D 108 29.78 -5.93 -18.89
N ILE D 109 30.89 -5.54 -19.50
CA ILE D 109 30.97 -4.22 -20.11
C ILE D 109 30.22 -4.22 -21.44
N GLN D 110 29.31 -3.25 -21.60
CA GLN D 110 28.64 -3.01 -22.87
C GLN D 110 28.78 -1.53 -23.20
N ILE D 111 29.43 -1.25 -24.32
CA ILE D 111 29.72 0.13 -24.71
C ILE D 111 28.69 0.58 -25.74
N PHE D 112 28.13 1.77 -25.52
CA PHE D 112 27.14 2.38 -26.40
C PHE D 112 27.74 3.63 -27.02
N GLU D 113 27.94 3.58 -28.34
CA GLU D 113 28.19 4.80 -29.10
C GLU D 113 26.88 5.57 -29.18
N THR D 114 26.95 6.84 -29.53
CA THR D 114 25.74 7.64 -29.70
C THR D 114 25.83 8.46 -30.97
N GLN D 115 24.77 9.23 -31.25
CA GLN D 115 24.82 10.13 -32.40
C GLN D 115 25.88 11.22 -32.24
N ASP D 116 26.31 11.50 -31.02
CA ASP D 116 27.41 12.41 -30.77
C ASP D 116 28.70 11.58 -30.78
N PRO D 117 29.61 11.80 -31.73
CA PRO D 117 30.83 10.97 -31.79
C PRO D 117 31.70 11.16 -30.58
N ASN D 118 31.46 12.20 -29.80
CA ASN D 118 32.21 12.48 -28.58
C ASN D 118 31.48 12.12 -27.30
N TRP D 119 30.42 11.32 -27.37
CA TRP D 119 29.67 10.94 -26.18
C TRP D 119 29.35 9.46 -26.23
N PHE D 120 29.79 8.73 -25.20
CA PHE D 120 29.53 7.30 -25.07
C PHE D 120 28.90 7.04 -23.71
N TRP D 121 28.12 5.97 -23.67
CA TRP D 121 27.60 5.43 -22.42
C TRP D 121 28.08 4.00 -22.28
N VAL D 122 28.27 3.56 -21.05
CA VAL D 122 28.68 2.19 -20.76
C VAL D 122 27.78 1.65 -19.68
N GLU D 123 27.21 0.47 -19.90
CA GLU D 123 26.56 -0.29 -18.86
C GLU D 123 27.48 -1.43 -18.45
N CYS D 124 27.63 -1.65 -17.16
CA CYS D 124 28.55 -2.67 -16.69
C CYS D 124 28.23 -3.01 -15.25
N ARG D 125 29.00 -3.93 -14.70
CA ARG D 125 29.06 -4.15 -13.27
C ARG D 125 30.48 -3.90 -12.81
N GLY D 126 30.65 -3.80 -11.50
CA GLY D 126 31.97 -3.66 -10.92
C GLY D 126 32.04 -4.47 -9.64
N GLU D 127 33.25 -4.91 -9.30
CA GLU D 127 33.41 -5.73 -8.11
C GLU D 127 34.82 -5.62 -7.57
N GLY D 128 34.91 -5.72 -6.25
CA GLY D 128 36.20 -5.77 -5.58
C GLY D 128 36.04 -5.57 -4.10
N ALA D 129 37.15 -5.74 -3.40
CA ALA D 129 37.18 -5.41 -1.98
C ALA D 129 36.95 -3.91 -1.80
N ILE D 130 36.30 -3.57 -0.69
CA ILE D 130 36.15 -2.17 -0.29
C ILE D 130 36.83 -2.00 1.05
N VAL D 131 37.78 -1.07 1.11
CA VAL D 131 38.61 -0.85 2.28
C VAL D 131 38.50 0.62 2.64
N PHE D 132 37.39 1.00 3.20
CA PHE D 132 37.19 2.38 3.60
C PHE D 132 37.65 2.55 5.03
N PRO D 133 38.49 3.52 5.32
CA PRO D 133 39.02 3.64 6.68
C PRO D 133 37.89 3.82 7.65
N GLY D 134 37.97 3.11 8.76
CA GLY D 134 36.91 3.17 9.74
C GLY D 134 35.68 2.36 9.47
N TYR D 135 35.68 1.56 8.40
CA TYR D 135 34.65 0.55 8.21
C TYR D 135 35.32 -0.81 8.07
N PRO D 136 34.63 -1.88 8.43
CA PRO D 136 35.22 -3.21 8.21
C PRO D 136 35.46 -3.44 6.72
N ARG D 137 36.55 -4.14 6.43
CA ARG D 137 36.81 -4.54 5.05
C ARG D 137 35.61 -5.34 4.56
N GLY D 138 35.16 -5.05 3.34
CA GLY D 138 34.01 -5.71 2.77
C GLY D 138 34.28 -6.13 1.34
N GLN D 139 33.27 -6.75 0.74
CA GLN D 139 33.26 -7.06 -0.67
C GLN D 139 32.11 -6.26 -1.29
N TYR D 140 32.43 -5.47 -2.30
CA TYR D 140 31.48 -4.55 -2.92
C TYR D 140 31.22 -5.00 -4.34
N ARG D 141 29.95 -5.17 -4.67
CA ARG D 141 29.49 -5.47 -6.02
C ARG D 141 28.39 -4.48 -6.38
N ASN D 142 28.40 -3.96 -7.60
CA ASN D 142 27.30 -3.08 -7.98
C ASN D 142 27.15 -3.03 -9.49
N HIS D 143 26.00 -2.53 -9.91
CA HIS D 143 25.72 -2.23 -11.30
C HIS D 143 26.05 -0.75 -11.52
N PHE D 144 26.62 -0.43 -12.68
CA PHE D 144 27.03 0.93 -12.98
C PHE D 144 26.65 1.34 -14.38
N LEU D 145 26.39 2.64 -14.52
CA LEU D 145 26.36 3.33 -15.80
C LEU D 145 27.48 4.36 -15.81
N HIS D 146 28.22 4.44 -16.91
CA HIS D 146 29.22 5.47 -17.08
C HIS D 146 28.88 6.32 -18.29
N SER D 147 29.18 7.62 -18.18
CA SER D 147 29.11 8.58 -19.28
C SER D 147 30.53 9.05 -19.58
N PHE D 148 30.89 9.05 -20.86
CA PHE D 148 32.19 9.55 -21.30
C PHE D 148 31.98 10.60 -22.38
N ARG D 149 32.45 11.81 -22.13
CA ARG D 149 32.44 12.87 -23.12
C ARG D 149 33.88 13.23 -23.47
N PHE D 150 34.15 13.36 -24.76
CA PHE D 150 35.49 13.54 -25.31
C PHE D 150 35.69 14.94 -25.86
N GLU D 151 36.96 15.34 -25.86
CA GLU D 151 37.41 16.56 -26.53
C GLU D 151 38.79 16.28 -27.07
N ASN D 152 38.98 16.45 -28.37
CA ASN D 152 40.29 16.30 -28.99
C ASN D 152 40.93 14.96 -28.63
N GLY D 153 40.13 13.92 -28.67
CA GLY D 153 40.64 12.58 -28.57
C GLY D 153 40.89 12.07 -27.17
N LEU D 154 40.56 12.83 -26.13
CA LEU D 154 40.71 12.40 -24.75
C LEU D 154 39.44 12.71 -23.97
N ILE D 155 39.35 12.14 -22.78
CA ILE D 155 38.15 12.26 -21.96
C ILE D 155 38.12 13.63 -21.30
N LYS D 156 37.09 14.42 -21.61
CA LYS D 156 36.85 15.68 -20.94
C LYS D 156 35.99 15.51 -19.70
N GLU D 157 35.05 14.56 -19.72
CA GLU D 157 34.19 14.31 -18.56
C GLU D 157 33.81 12.84 -18.51
N GLN D 158 34.17 12.20 -17.40
CA GLN D 158 33.70 10.88 -17.06
C GLN D 158 32.82 10.99 -15.82
N ARG D 159 31.70 10.29 -15.83
CA ARG D 159 30.78 10.24 -14.69
C ARG D 159 30.31 8.82 -14.52
N GLU D 160 30.26 8.35 -13.28
CA GLU D 160 29.67 7.04 -13.01
C GLU D 160 28.49 7.15 -12.06
N PHE D 161 27.51 6.28 -12.29
CA PHE D 161 26.22 6.30 -11.62
C PHE D 161 25.90 4.90 -11.12
N MET D 162 25.51 4.80 -9.86
CA MET D 162 25.13 3.52 -9.28
C MET D 162 24.06 3.75 -8.22
N ASN D 163 23.62 2.65 -7.61
CA ASN D 163 22.75 2.69 -6.45
C ASN D 163 23.59 2.67 -5.18
N PRO D 164 23.68 3.77 -4.44
CA PRO D 164 24.55 3.76 -3.25
C PRO D 164 24.13 2.78 -2.19
N CYS D 165 22.88 2.32 -2.21
CA CYS D 165 22.44 1.38 -1.18
C CYS D 165 23.28 0.11 -1.20
N GLU D 166 23.76 -0.30 -2.38
CA GLU D 166 24.60 -1.50 -2.42
C GLU D 166 25.97 -1.24 -1.81
N GLN D 167 26.47 -0.01 -1.95
CA GLN D 167 27.73 0.31 -1.29
C GLN D 167 27.54 0.41 0.22
N PHE D 168 26.42 0.97 0.67
CA PHE D 168 26.12 0.96 2.10
C PHE D 168 26.18 -0.48 2.62
N ARG D 169 25.52 -1.41 1.93
CA ARG D 169 25.53 -2.79 2.41
C ARG D 169 26.94 -3.33 2.51
N SER D 170 27.79 -3.03 1.53
CA SER D 170 29.16 -3.54 1.55
C SER D 170 29.96 -3.00 2.73
N LEU D 171 29.57 -1.84 3.26
CA LEU D 171 30.22 -1.20 4.39
C LEU D 171 29.56 -1.51 5.72
N GLY D 172 28.49 -2.32 5.74
CA GLY D 172 27.80 -2.61 6.97
C GLY D 172 26.88 -1.51 7.45
N ILE D 173 26.60 -0.53 6.61
CA ILE D 173 25.71 0.57 6.94
C ILE D 173 24.27 0.15 6.68
N GLU D 174 23.41 0.39 7.66
CA GLU D 174 21.99 0.04 7.52
C GLU D 174 21.35 0.85 6.42
N VAL D 175 20.62 0.18 5.56
CA VAL D 175 19.92 0.81 4.44
C VAL D 175 18.49 1.11 4.86
N PRO D 176 17.99 2.32 4.65
CA PRO D 176 16.59 2.61 4.94
C PRO D 176 15.67 1.77 4.07
N GLU D 177 14.47 1.49 4.56
CA GLU D 177 13.50 0.69 3.84
C GLU D 177 12.21 1.47 3.69
N VAL D 178 11.81 1.74 2.45
CA VAL D 178 10.52 2.35 2.19
C VAL D 178 9.43 1.33 2.47
N ARG D 179 8.46 1.72 3.32
CA ARG D 179 7.34 0.84 3.63
C ARG D 179 6.43 0.70 2.43
N ARG D 180 6.13 -0.54 2.05
CA ARG D 180 5.40 -0.79 0.83
C ARG D 180 3.99 -1.30 1.04
N ASP D 181 3.48 -1.27 2.26
CA ASP D 181 2.19 -1.89 2.51
C ASP D 181 1.09 -1.25 1.69
N GLY D 182 1.13 0.07 1.55
CA GLY D 182 0.08 0.74 0.83
C GLY D 182 0.26 0.74 -0.67
N LEU D 183 1.51 0.53 -1.15
CA LEU D 183 1.97 0.76 -2.51
C LEU D 183 2.24 -0.57 -3.22
N PRO D 184 1.42 -0.96 -4.21
CA PRO D 184 1.61 -2.26 -4.86
C PRO D 184 2.31 -2.15 -6.21
N SER D 185 2.91 -3.25 -6.66
CA SER D 185 3.49 -3.32 -7.99
C SER D 185 3.04 -4.59 -8.70
C1 GOL E . -36.88 -2.44 17.71
O1 GOL E . -38.12 -2.85 17.17
C2 GOL E . -35.93 -3.66 17.68
O2 GOL E . -35.78 -4.15 16.38
C3 GOL E . -34.63 -3.17 18.35
O3 GOL E . -33.77 -4.30 18.59
H11 GOL E . -36.96 -2.11 18.61
H12 GOL E . -36.50 -1.72 17.19
HO1 GOL E . -38.17 -2.49 16.39
H2 GOL E . -36.32 -4.38 18.19
HO2 GOL E . -35.00 -4.48 16.32
H31 GOL E . -34.86 -2.68 19.15
H32 GOL E . -34.21 -2.51 17.78
HO3 GOL E . -33.55 -4.61 17.82
N1 A1IAK F . -36.57 -9.36 17.14
C3 A1IAK F . -31.82 -7.87 25.01
C4 A1IAK F . -32.90 -7.67 24.17
C5 A1IAK F . -34.09 -8.36 24.34
C6 A1IAK F . -34.17 -9.28 25.38
C7 A1IAK F . -35.30 -8.31 23.57
C8 A1IAK F . -36.26 -9.17 24.04
C9 A1IAK F . -37.63 -9.40 23.55
C10 A1IAK F . -38.44 -8.34 23.18
C11 A1IAK F . -39.73 -8.54 22.72
C12 A1IAK F . -40.24 -9.83 22.67
C13 A1IAK F . -39.45 -10.90 23.05
C14 A1IAK F . -38.16 -10.69 23.51
C1 A1IAK F . -33.10 -9.52 26.23
C15 A1IAK F . -35.39 -7.40 22.36
C16 A1IAK F . -35.74 -7.94 21.01
C17 A1IAK F . -36.02 -9.29 20.80
C18 A1IAK F . -36.28 -9.76 19.52
C19 A1IAK F . -36.31 -8.89 18.43
C2 A1IAK F . -31.92 -8.80 26.04
C20 A1IAK F . -36.03 -7.55 18.64
C21 A1IAK F . -35.74 -7.08 19.91
C22 A1IAK F . -37.21 -10.60 16.86
C23 A1IAK F . -37.30 -10.88 15.38
C24 A1IAK F . -38.37 -10.01 14.76
O1 A1IAK F . -30.82 -9.01 26.81
O2 A1IAK F . -41.54 -10.02 22.31
O3 A1IAK F . -35.04 -6.23 22.47
S1 A1IAK F . -35.72 -10.08 25.43
H14 A1IAK F . -36.33 -8.83 16.48
H2 A1IAK F . -31.00 -7.36 24.90
H3 A1IAK F . -32.72 -7.01 23.47
H4 A1IAK F . -38.19 -7.39 23.18
H5 A1IAK F . -40.27 -7.78 22.43
H6 A1IAK F . -39.78 -11.82 23.01
H7 A1IAK F . -37.68 -11.48 23.79
H1 A1IAK F . -33.18 -10.17 26.96
H10 A1IAK F . -36.05 -9.98 21.49
H11 A1IAK F . -36.45 -10.71 19.40
H12 A1IAK F . -36.03 -6.89 17.92
H13 A1IAK F . -35.54 -6.12 20.00
H15 A1IAK F . -37.66 -10.62 17.73
H16 A1IAK F . -37.86 -11.31 17.08
H17 A1IAK F . -36.88 -11.75 15.49
H18 A1IAK F . -37.31 -11.50 14.62
H19 A1IAK F . -39.12 -10.34 15.29
H21 A1IAK F . -38.01 -9.41 14.09
H20 A1IAK F . -39.22 -9.58 14.55
H8 A1IAK F . -30.99 -9.62 27.38
H9 A1IAK F . -41.90 -9.27 22.16
C1 GOL G . -20.74 -3.27 -4.91
O1 GOL G . -22.06 -3.20 -5.37
C2 GOL G . -20.18 -4.64 -5.32
O2 GOL G . -20.31 -4.87 -6.67
C3 GOL G . -18.68 -4.60 -4.89
O3 GOL G . -18.14 -5.86 -5.18
H11 GOL G . -20.68 -3.16 -3.95
H12 GOL G . -20.20 -2.56 -5.28
HO1 GOL G . -22.45 -2.60 -4.92
H2 GOL G . -20.65 -5.36 -4.87
HO2 GOL G . -21.03 -4.48 -6.93
H31 GOL G . -18.63 -4.35 -3.95
H32 GOL G . -18.23 -3.88 -5.37
HO3 GOL G . -17.42 -5.92 -4.73
C1 GOL H . -10.80 -8.43 20.74
O1 GOL H . -11.71 -7.35 20.97
C2 GOL H . -9.38 -7.85 20.48
O2 GOL H . -9.30 -7.10 19.27
C3 GOL H . -8.46 -9.08 20.47
O3 GOL H . -7.13 -8.65 20.33
H11 GOL H . -11.05 -8.98 19.98
H12 GOL H . -10.77 -9.03 21.50
HO1 GOL H . -11.90 -7.01 20.21
H2 GOL H . -9.13 -7.23 21.19
HO2 GOL H . -10.08 -6.83 19.08
H31 GOL H . -8.75 -9.67 19.77
H32 GOL H . -8.58 -9.58 21.30
HO3 GOL H . -7.01 -8.00 20.87
N1 A1IAK I . -8.76 -2.19 20.77
C3 A1IAK I . -15.17 -4.43 27.09
C4 A1IAK I . -13.94 -4.57 26.48
C5 A1IAK I . -12.80 -3.96 26.99
C6 A1IAK I . -12.95 -3.17 28.15
C7 A1IAK I . -11.45 -3.95 26.51
C8 A1IAK I . -10.62 -3.20 27.30
C9 A1IAK I . -9.17 -2.93 27.16
C10 A1IAK I . -8.66 -1.66 27.42
C11 A1IAK I . -7.30 -1.41 27.30
C12 A1IAK I . -6.44 -2.42 26.90
C13 A1IAK I . -6.93 -3.68 26.62
C14 A1IAK I . -8.29 -3.93 26.76
C1 A1IAK I . -14.18 -3.02 28.76
C15 A1IAK I . -11.09 -4.70 25.29
C16 A1IAK I . -10.47 -4.01 24.11
C17 A1IAK I . -10.15 -2.66 24.14
C18 A1IAK I . -9.59 -2.05 23.04
C19 A1IAK I . -9.36 -2.77 21.87
C2 A1IAK I . -15.29 -3.65 28.23
C20 A1IAK I . -9.67 -4.12 21.84
C21 A1IAK I . -10.24 -4.73 22.95
C22 A1IAK I . -8.24 -0.86 20.72
C23 A1IAK I . -7.41 -0.70 19.47
C24 A1IAK I . -6.27 0.20 19.55
O1 A1IAK I . -16.53 -3.48 28.76
O2 A1IAK I . -5.09 -2.20 26.85
O3 A1IAK I . -11.39 -5.89 25.20
S1 A1IAK I . -11.44 -2.47 28.64
H14 A1IAK I . -8.70 -2.70 20.05
H2 A1IAK I . -15.96 -4.89 26.74
H3 A1IAK I . -13.97 -5.13 25.67
H4 A1IAK I . -9.17 -0.88 27.69
H5 A1IAK I . -6.95 -0.52 27.51
H6 A1IAK I . -6.36 -4.41 26.31
H7 A1IAK I . -8.56 -4.85 26.56
H1 A1IAK I . -14.25 -2.46 29.57
H10 A1IAK I . -10.30 -2.06 24.90
H11 A1IAK I . -9.35 -1.10 23.10
H12 A1IAK I . -9.51 -4.69 21.06
H13 A1IAK I . -10.47 -5.68 22.86
H15 A1IAK I . -8.95 -0.50 21.28
H16 A1IAK I . -8.34 0.11 20.84
H17 A1IAK I . -8.06 -1.19 18.93
H18 A1IAK I . -7.20 -0.94 18.54
H19 A1IAK I . -6.07 0.24 18.60
H21 A1IAK I . -5.96 0.28 20.48
H20 A1IAK I . -5.45 0.70 19.35
H8 A1IAK I . -16.48 -2.96 29.42
H9 A1IAK I . -4.94 -1.40 27.10
C1 GOL J . 7.67 8.81 -11.61
O1 GOL J . 6.44 8.44 -12.17
C2 GOL J . 8.59 7.57 -11.58
O2 GOL J . 8.78 7.00 -12.86
C3 GOL J . 9.89 8.08 -10.92
O3 GOL J . 10.72 6.93 -10.58
H11 GOL J . 7.58 9.17 -10.72
H12 GOL J . 8.09 9.51 -12.13
HO1 GOL J . 5.88 8.41 -11.52
H2 GOL J . 8.19 6.87 -11.04
HO2 GOL J . 9.55 6.66 -12.87
H31 GOL J . 9.67 8.63 -10.15
H32 GOL J . 10.34 8.68 -11.53
HO3 GOL J . 10.95 6.57 -11.32
N1 A1IAK K . 7.88 1.91 -11.96
C3 A1IAK K . 12.50 3.47 -4.10
C4 A1IAK K . 11.44 3.72 -4.94
C5 A1IAK K . 10.22 3.08 -4.79
C6 A1IAK K . 10.08 2.18 -3.73
C7 A1IAK K . 9.01 3.17 -5.58
C8 A1IAK K . 8.02 2.35 -5.11
C9 A1IAK K . 6.65 2.14 -5.63
C10 A1IAK K . 5.88 3.20 -6.10
C11 A1IAK K . 4.60 3.01 -6.58
C12 A1IAK K . 4.05 1.73 -6.56
C13 A1IAK K . 4.80 0.66 -6.09
C14 A1IAK K . 6.09 0.87 -5.65
C1 A1IAK K . 11.13 1.92 -2.86
C15 A1IAK K . 8.99 4.02 -6.80
C16 A1IAK K . 8.69 3.44 -8.13
C17 A1IAK K . 8.38 2.09 -8.30
C18 A1IAK K . 8.11 1.57 -9.56
C19 A1IAK K . 8.14 2.40 -10.68
C2 A1IAK K . 12.35 2.57 -3.05
C20 A1IAK K . 8.47 3.75 -10.53
C21 A1IAK K . 8.71 4.26 -9.26
C22 A1IAK K . 7.31 0.63 -12.24
C23 A1IAK K . 7.19 0.37 -13.71
C24 A1IAK K . 6.17 1.30 -14.30
O1 A1IAK K . 13.43 2.35 -2.25
O2 A1IAK K . 2.74 1.56 -6.96
O3 A1IAK K . 9.33 5.21 -6.72
S1 A1IAK K . 8.50 1.46 -3.70
H14 A1IAK K . 8.10 2.44 -12.63
H2 A1IAK K . 13.36 3.92 -4.24
H3 A1IAK K . 11.65 4.39 -5.63
H4 A1IAK K . 6.15 4.14 -6.14
H5 A1IAK K . 4.08 3.77 -6.91
H6 A1IAK K . 4.43 -0.25 -6.07
H7 A1IAK K . 6.56 0.06 -5.35
H1 A1IAK K . 11.02 1.29 -2.13
H10 A1IAK K . 8.31 1.43 -7.58
H11 A1IAK K . 7.93 0.62 -9.64
H12 A1IAK K . 8.52 4.36 -11.28
H13 A1IAK K . 8.91 5.22 -9.21
H15 A1IAK K . 6.89 0.58 -11.35
H16 A1IAK K . 6.73 -0.13 -12.00
H17 A1IAK K . 7.58 -0.52 -13.62
H18 A1IAK K . 7.14 -0.25 -14.46
H19 A1IAK K . 6.63 2.14 -14.09
H21 A1IAK K . 5.42 0.82 -14.69
H20 A1IAK K . 5.65 2.10 -14.54
H8 A1IAK K . 13.22 1.78 -1.66
H9 A1IAK K . 2.42 2.31 -7.17
C1 GOL L . 33.65 2.48 -7.88
O1 GOL L . 32.73 3.57 -7.68
C2 GOL L . 35.06 3.03 -8.14
O2 GOL L . 35.22 3.69 -9.38
C3 GOL L . 35.96 1.77 -8.06
O3 GOL L . 37.29 2.17 -8.22
H11 GOL L . 33.40 1.92 -8.62
H12 GOL L . 33.67 1.90 -7.11
HO1 GOL L . 32.71 4.00 -8.42
H2 GOL L . 35.30 3.67 -7.45
HO2 GOL L . 34.47 4.02 -9.60
H31 GOL L . 35.67 1.14 -8.73
H32 GOL L . 35.82 1.31 -7.21
HO3 GOL L . 37.39 2.85 -7.73
N1 A1IAK M . 35.74 8.72 -8.02
C3 A1IAK M . 29.20 6.71 -1.74
C4 A1IAK M . 30.44 6.53 -2.32
C5 A1IAK M . 31.57 7.15 -1.81
C6 A1IAK M . 31.42 7.95 -0.67
C7 A1IAK M . 32.93 7.11 -2.27
C8 A1IAK M . 33.77 7.85 -1.49
C9 A1IAK M . 35.23 8.07 -1.61
C10 A1IAK M . 36.09 7.03 -1.92
C11 A1IAK M . 37.46 7.22 -1.98
C12 A1IAK M . 37.99 8.49 -1.76
C13 A1IAK M . 37.14 9.55 -1.46
C14 A1IAK M . 35.77 9.34 -1.40
C1 A1IAK M . 30.19 8.13 -0.06
C15 A1IAK M . 33.31 6.32 -3.47
C16 A1IAK M . 33.96 6.97 -4.64
C17 A1IAK M . 34.22 6.22 -5.80
C18 A1IAK M . 34.81 6.81 -6.90
C19 A1IAK M . 35.14 8.16 -6.88
C2 A1IAK M . 29.08 7.51 -0.61
C20 A1IAK M . 34.88 8.91 -5.74
C21 A1IAK M . 34.30 8.32 -4.64
C22 A1IAK M . 36.24 10.06 -8.06
C23 A1IAK M . 36.94 10.40 -9.36
C24 A1IAK M . 38.19 9.67 -9.56
O1 A1IAK M . 27.81 7.69 -0.11
O2 A1IAK M . 39.34 8.68 -1.79
O3 A1IAK M . 32.98 5.14 -3.53
S1 A1IAK M . 32.94 8.62 -0.17
H14 A1IAK M . 35.80 8.21 -8.72
H2 A1IAK M . 28.42 6.28 -2.12
H3 A1IAK M . 30.42 5.92 -3.10
H4 A1IAK M . 35.83 6.11 -2.11
H5 A1IAK M . 38.05 6.47 -2.19
H6 A1IAK M . 37.49 10.45 -1.29
H7 A1IAK M . 35.24 10.14 -1.21
H1 A1IAK M . 30.12 8.70 0.72
H10 A1IAK M . 34.02 5.27 -5.91
H11 A1IAK M . 34.99 6.25 -7.69
H12 A1IAK M . 35.11 9.85 -5.66
H13 A1IAK M . 34.12 8.89 -3.87
H15 A1IAK M . 35.62 10.38 -7.38
H16 A1IAK M . 36.31 10.97 -7.72
H17 A1IAK M . 36.41 11.22 -9.45
H18 A1IAK M . 37.12 11.02 -10.10
H19 A1IAK M . 38.67 10.04 -8.79
H21 A1IAK M . 38.16 9.07 -10.33
H20 A1IAK M . 39.11 9.36 -9.49
H8 A1IAK M . 27.85 8.22 0.56
H9 A1IAK M . 39.72 7.94 -1.97
C1 EDO N . 24.72 5.61 -34.01
O1 EDO N . 24.06 6.88 -34.15
C2 EDO N . 26.23 5.78 -34.18
O2 EDO N . 26.88 4.51 -33.98
H11 EDO N . 24.34 4.93 -34.78
H12 EDO N . 24.50 5.18 -33.03
HO1 EDO N . 23.10 6.76 -34.04
H21 EDO N . 26.45 6.15 -35.18
H22 EDO N . 26.60 6.51 -33.45
HO2 EDO N . 27.83 4.63 -34.08
#